data_3Q3N
#
_entry.id   3Q3N
#
_cell.length_a   98.303
_cell.length_b   116.016
_cell.length_c   181.044
_cell.angle_alpha   90.000
_cell.angle_beta   90.000
_cell.angle_gamma   90.000
#
_symmetry.space_group_name_H-M   'C 2 2 21'
#
loop_
_entity.id
_entity.type
_entity.pdbx_description
1 polymer 'Toluene-4-monooxygenase system protein A'
2 polymer 'Toluene-4-monooxygenase system protein E'
3 polymer 'Toluene-4-monooxygenase system protein B'
4 polymer 'Toluene-4-monooxygenase system protein D'
5 non-polymer 'FE (III) ION'
6 non-polymer P-NITROPHENOL
7 non-polymer 'PENTAETHYLENE GLYCOL'
8 water water
#
loop_
_entity_poly.entity_id
_entity_poly.type
_entity_poly.pdbx_seq_one_letter_code
_entity_poly.pdbx_strand_id
1 'polypeptide(L)'
;MAMHPRKDWYELTRATNWTPSYVTEEQLFPERMSGHMGIPLEKWESYDEPYKTSYPEYVSIQREKDAGAYSVKAALERAK
IYENSDPGWISTLKSHYGAIAVGEYAAVTGEGRMARFSKAPGNRNMATFGMMDELRHGQLQLFFPHEYCKKDRQFDWAWR
AYHSNEWAAIAAKHFFDDIITGRDAISVAIMLTFSFETGFTNMQFLGLAADAAEAGDYTFANLISSIQTDESRHAQQGGP
ALQLLIENGKREEAQKKVDMAIWRAWRLFAVLTGPVMDYYTPLEDRSQSFKEFMYEWIIGQFERSLIDLGLDKPWYWDLF
LKDIDELHHSYHMGVWYWRTTAWWNPAAGVTPEERDWLEEKYPGWNKRWGRCWDVITENVLNDRMDLVSPETLPSVCNMS
QIPLVGVPGDDWNIEVFSLEHNGRLYHFGSEVDRWVFQQDPVQYQNHMNIVDRFLAGQIQPMTLEGALKYMGFQSIEEMG
KDAHDFAWADKCKPAMKKSA
;
A
2 'polypeptide(L)'
;MSFESKKPMRTWSHLAEMRKKPSEYDIVSRKLHYSTNNPDSPWELSPDSPMNLWYKQYRNASPLKHDNWDAFTDPDQLVY
RTYNLMQDGQESYVQSLFDQFNEREHDQMVREGWEHTMARCYSPLRYLFHCLQMSSAYVQQMAPASTISNCCILQTADSL
RWLTHTAYRTHELSLTYPDAGLGEHERELWEKEPGWQGLRELMEKQLTAFDWGEAFVSLNLVVKPMIVESIFKPLQQQAW
ENNDTLLPLLIDSQLKDAERHSRWSKALVKHALENPDNHAVIEGWIEKWRPLADRAAEAYLSMLSSD
;
B
3 'polypeptide(L)'
;MSAFPVHAAFEKDFLVQLVVVDLNDSMDQVAEKVAYHCVNRRVAPREGVMRVRKHRSTELFPRDMTIAESGLNPTEVIDV
VFEE
;
C
4 'polypeptide(L)'
;MSTLADQALHNNNVGPIIRAGDLVEPVIETAEIDNPGKEITVEDRRAYVRIAAEGELILTRKTLEEQLGRPFNMQELEIN
LASFAGQIQADEDQIRFYFDKTM
;
E
#
loop_
_chem_comp.id
_chem_comp.type
_chem_comp.name
_chem_comp.formula
1PE non-polymer 'PENTAETHYLENE GLYCOL' 'C10 H22 O6'
FE non-polymer 'FE (III) ION' 'Fe 3'
NPO non-polymer P-NITROPHENOL 'C6 H5 N O3'
#
# COMPACT_ATOMS: atom_id res chain seq x y z
N ALA A 2 27.09 15.20 25.50
CA ALA A 2 25.79 14.61 25.78
C ALA A 2 24.84 14.86 24.62
N MET A 3 23.77 14.08 24.59
CA MET A 3 22.73 14.20 23.56
C MET A 3 21.43 14.61 24.25
N HIS A 4 20.58 15.36 23.55
CA HIS A 4 19.32 15.76 24.14
C HIS A 4 18.20 14.85 23.64
N PRO A 5 17.28 14.49 24.54
CA PRO A 5 16.23 13.52 24.24
C PRO A 5 15.24 14.05 23.19
N ARG A 6 14.73 13.14 22.37
CA ARG A 6 13.81 13.53 21.29
C ARG A 6 12.66 14.41 21.76
N LYS A 7 12.12 14.15 22.94
CA LYS A 7 10.96 14.93 23.40
C LYS A 7 11.26 16.43 23.48
N ASP A 8 12.53 16.79 23.69
CA ASP A 8 12.92 18.18 23.87
C ASP A 8 13.05 18.94 22.54
N TRP A 9 13.23 18.24 21.44
CA TRP A 9 13.39 18.91 20.15
C TRP A 9 12.39 18.45 19.09
N TYR A 10 11.56 17.46 19.42
CA TYR A 10 10.64 16.91 18.42
C TYR A 10 9.70 17.97 17.83
N GLU A 11 9.20 18.88 18.67
CA GLU A 11 8.22 19.84 18.17
C GLU A 11 8.79 20.69 17.05
N LEU A 12 10.08 21.02 17.14
CA LEU A 12 10.70 21.82 16.10
C LEU A 12 10.78 21.07 14.75
N THR A 13 10.84 19.73 14.78
CA THR A 13 10.87 18.98 13.52
C THR A 13 9.56 19.10 12.74
N ARG A 14 8.46 19.34 13.44
CA ARG A 14 7.15 19.46 12.79
C ARG A 14 6.54 20.88 12.89
N ALA A 15 7.37 21.85 13.25
CA ALA A 15 6.97 23.24 13.21
C ALA A 15 7.30 23.76 11.81
N THR A 16 6.48 23.36 10.83
CA THR A 16 6.78 23.65 9.42
C THR A 16 5.61 24.29 8.67
N ASN A 17 4.48 24.47 9.33
CA ASN A 17 3.39 25.19 8.68
C ASN A 17 3.71 26.68 8.64
N TRP A 18 3.36 27.34 7.54
CA TRP A 18 3.44 28.79 7.44
C TRP A 18 2.28 29.34 6.63
N THR A 19 2.06 30.64 6.74
CA THR A 19 0.97 31.32 6.04
C THR A 19 1.46 31.81 4.69
N PRO A 20 0.98 31.18 3.60
CA PRO A 20 1.40 31.53 2.24
C PRO A 20 1.10 33.00 1.92
N SER A 21 2.00 33.63 1.18
CA SER A 21 1.85 35.04 0.81
C SER A 21 1.99 35.27 -0.69
N TYR A 22 2.79 34.46 -1.35
CA TYR A 22 3.08 34.67 -2.76
C TYR A 22 2.18 33.83 -3.67
N VAL A 23 1.58 32.80 -3.08
CA VAL A 23 0.46 32.09 -3.69
C VAL A 23 -0.57 31.91 -2.60
N THR A 24 -1.80 31.53 -2.97
CA THR A 24 -2.86 31.35 -1.99
C THR A 24 -2.74 30.00 -1.31
N GLU A 25 -3.36 29.87 -0.14
CA GLU A 25 -3.37 28.61 0.57
C GLU A 25 -3.96 27.50 -0.30
N GLU A 26 -5.04 27.82 -1.02
CA GLU A 26 -5.68 26.83 -1.90
C GLU A 26 -4.83 26.47 -3.12
N GLN A 27 -4.02 27.41 -3.60
CA GLN A 27 -3.07 27.11 -4.68
C GLN A 27 -1.97 26.16 -4.20
N LEU A 28 -1.53 26.39 -2.96
CA LEU A 28 -0.45 25.59 -2.39
C LEU A 28 -0.96 24.20 -1.97
N PHE A 29 -2.21 24.16 -1.53
CA PHE A 29 -2.85 22.91 -1.11
C PHE A 29 -4.19 22.71 -1.80
N PRO A 30 -4.18 22.45 -3.12
CA PRO A 30 -5.43 22.28 -3.88
C PRO A 30 -6.30 21.16 -3.31
N GLU A 31 -7.60 21.41 -3.17
CA GLU A 31 -8.50 20.43 -2.55
C GLU A 31 -8.43 19.07 -3.23
N ARG A 32 -8.32 19.06 -4.56
CA ARG A 32 -8.33 17.79 -5.27
C ARG A 32 -7.12 16.92 -4.93
N MET A 33 -6.03 17.54 -4.50
CA MET A 33 -4.84 16.78 -4.08
C MET A 33 -4.68 16.67 -2.55
N SER A 34 -5.18 17.68 -1.84
CA SER A 34 -5.04 17.78 -0.38
C SER A 34 -6.21 17.17 0.41
N GLY A 35 -7.43 17.44 -0.03
CA GLY A 35 -8.62 16.91 0.62
C GLY A 35 -8.89 17.42 2.02
N HIS A 36 -8.55 18.69 2.25
CA HIS A 36 -8.64 19.31 3.56
C HIS A 36 -10.07 19.68 3.93
N MET A 37 -11.01 19.43 3.02
CA MET A 37 -12.43 19.71 3.24
C MET A 37 -12.70 21.12 3.77
N GLY A 38 -11.86 22.08 3.38
CA GLY A 38 -12.08 23.48 3.74
C GLY A 38 -11.55 23.85 5.11
N ILE A 39 -10.98 22.87 5.83
CA ILE A 39 -10.42 23.12 7.16
C ILE A 39 -9.13 23.91 7.03
N PRO A 40 -9.06 25.08 7.68
CA PRO A 40 -7.91 25.97 7.53
C PRO A 40 -6.64 25.40 8.13
N LEU A 41 -5.50 25.84 7.58
CA LEU A 41 -4.18 25.40 7.99
C LEU A 41 -4.02 25.34 9.49
N GLU A 42 -4.50 26.37 10.18
CA GLU A 42 -4.26 26.50 11.61
C GLU A 42 -4.83 25.30 12.37
N LYS A 43 -5.95 24.77 11.89
CA LYS A 43 -6.60 23.66 12.58
C LYS A 43 -5.79 22.37 12.46
N TRP A 44 -5.01 22.27 11.39
CA TRP A 44 -4.27 21.04 11.14
C TRP A 44 -3.03 20.90 12.01
N GLU A 45 -2.64 21.99 12.68
CA GLU A 45 -1.42 21.97 13.48
C GLU A 45 -1.61 21.18 14.78
N SER A 46 -2.85 20.86 15.11
N SER A 46 -2.85 20.85 15.12
CA SER A 46 -3.14 20.05 16.28
CA SER A 46 -3.13 20.05 16.31
C SER A 46 -2.73 18.60 16.05
C SER A 46 -2.99 18.54 16.04
N TYR A 47 -2.74 18.18 14.79
CA TYR A 47 -2.43 16.79 14.41
C TYR A 47 -1.22 16.25 15.18
N ASP A 48 -1.40 15.12 15.86
CA ASP A 48 -0.33 14.59 16.70
C ASP A 48 -0.15 13.10 16.48
N GLU A 49 0.79 12.76 15.60
CA GLU A 49 1.09 11.37 15.30
C GLU A 49 1.48 10.61 16.57
N PRO A 50 0.75 9.54 16.89
CA PRO A 50 1.03 8.81 18.14
C PRO A 50 2.25 7.87 18.06
N TYR A 51 2.68 7.50 16.86
CA TYR A 51 3.82 6.59 16.73
C TYR A 51 4.95 7.32 16.00
N LYS A 52 5.80 8.00 16.76
CA LYS A 52 6.77 8.93 16.20
C LYS A 52 8.10 8.22 15.91
N THR A 53 8.89 8.82 15.04
CA THR A 53 10.31 8.47 14.90
C THR A 53 11.05 9.70 14.38
N SER A 54 12.36 9.60 14.26
CA SER A 54 13.16 10.72 13.79
C SER A 54 14.21 10.15 12.85
N TYR A 55 14.78 11.00 11.99
CA TYR A 55 15.70 10.52 10.96
C TYR A 55 16.85 9.61 11.47
N PRO A 56 17.62 10.06 12.48
CA PRO A 56 18.73 9.20 12.93
C PRO A 56 18.25 7.83 13.41
N GLU A 57 17.14 7.78 14.14
CA GLU A 57 16.64 6.49 14.65
C GLU A 57 16.15 5.64 13.50
N TYR A 58 15.52 6.29 12.53
CA TYR A 58 14.90 5.56 11.42
C TYR A 58 15.96 4.79 10.63
N VAL A 59 17.00 5.48 10.18
CA VAL A 59 18.02 4.80 9.37
C VAL A 59 18.73 3.70 10.15
N SER A 60 18.96 3.94 11.43
CA SER A 60 19.61 2.95 12.28
C SER A 60 18.76 1.70 12.51
N ILE A 61 17.50 1.92 12.87
N ILE A 61 17.50 1.88 12.86
CA ILE A 61 16.55 0.85 13.14
CA ILE A 61 16.66 0.73 13.14
C ILE A 61 16.26 0.04 11.87
C ILE A 61 16.25 0.00 11.85
N GLN A 62 16.01 0.76 10.78
CA GLN A 62 15.65 0.13 9.50
C GLN A 62 16.83 -0.66 8.95
N ARG A 63 18.04 -0.18 9.24
CA ARG A 63 19.23 -0.96 8.88
C ARG A 63 19.19 -2.31 9.61
N GLU A 64 18.85 -2.30 10.89
CA GLU A 64 18.81 -3.54 11.65
C GLU A 64 17.70 -4.48 11.15
N LYS A 65 16.51 -3.94 10.87
CA LYS A 65 15.42 -4.77 10.35
C LYS A 65 15.85 -5.51 9.10
N ASP A 66 16.45 -4.81 8.15
CA ASP A 66 16.85 -5.46 6.89
C ASP A 66 17.98 -6.48 7.09
N ALA A 67 18.94 -6.18 7.96
CA ALA A 67 20.04 -7.10 8.15
C ALA A 67 19.51 -8.46 8.60
N GLY A 68 18.49 -8.46 9.47
CA GLY A 68 17.89 -9.71 9.91
C GLY A 68 17.10 -10.39 8.80
N ALA A 69 16.28 -9.64 8.07
CA ALA A 69 15.51 -10.23 6.98
C ALA A 69 16.40 -10.93 5.95
N TYR A 70 17.46 -10.24 5.53
CA TYR A 70 18.34 -10.79 4.50
C TYR A 70 19.20 -11.94 5.03
N SER A 71 19.63 -11.84 6.29
CA SER A 71 20.48 -12.88 6.88
C SER A 71 19.74 -14.18 7.00
N VAL A 72 18.46 -14.10 7.37
CA VAL A 72 17.65 -15.30 7.48
C VAL A 72 17.42 -15.95 6.12
N LYS A 73 17.13 -15.12 5.12
CA LYS A 73 16.96 -15.61 3.75
C LYS A 73 18.23 -16.33 3.32
N ALA A 74 19.38 -15.70 3.53
CA ALA A 74 20.65 -16.29 3.13
C ALA A 74 20.89 -17.62 3.82
N ALA A 75 20.61 -17.70 5.12
CA ALA A 75 20.95 -18.93 5.86
C ALA A 75 20.03 -20.09 5.50
N LEU A 76 18.89 -19.80 4.89
CA LEU A 76 17.90 -20.83 4.63
C LEU A 76 17.76 -21.20 3.14
N GLU A 77 18.64 -20.66 2.29
CA GLU A 77 18.54 -20.94 0.86
C GLU A 77 18.48 -22.44 0.51
N ARG A 78 19.12 -23.27 1.32
CA ARG A 78 19.20 -24.70 1.05
C ARG A 78 18.21 -25.53 1.83
N ALA A 79 17.20 -24.89 2.41
CA ALA A 79 16.22 -25.64 3.19
C ALA A 79 15.21 -26.40 2.33
N LYS A 80 15.40 -26.37 1.02
CA LYS A 80 14.52 -27.11 0.09
C LYS A 80 13.03 -26.75 0.18
N ILE A 81 12.74 -25.50 0.54
CA ILE A 81 11.35 -25.07 0.62
C ILE A 81 10.63 -25.27 -0.71
N TYR A 82 11.25 -24.82 -1.80
CA TYR A 82 10.60 -24.93 -3.11
C TYR A 82 10.35 -26.38 -3.50
N GLU A 83 11.40 -27.19 -3.39
CA GLU A 83 11.36 -28.58 -3.80
C GLU A 83 10.51 -29.46 -2.87
N ASN A 84 10.54 -29.16 -1.57
CA ASN A 84 9.88 -30.02 -0.59
C ASN A 84 8.52 -29.55 -0.08
N SER A 85 8.18 -28.30 -0.30
CA SER A 85 6.92 -27.78 0.19
C SER A 85 5.78 -28.34 -0.62
N ASP A 86 4.62 -28.48 0.02
CA ASP A 86 3.39 -28.79 -0.67
C ASP A 86 3.18 -27.71 -1.72
N PRO A 87 2.76 -28.12 -2.94
CA PRO A 87 2.61 -27.15 -4.02
C PRO A 87 1.55 -26.09 -3.73
N GLY A 88 0.61 -26.39 -2.84
CA GLY A 88 -0.38 -25.42 -2.42
C GLY A 88 0.30 -24.26 -1.68
N TRP A 89 1.36 -24.58 -0.94
CA TRP A 89 2.14 -23.54 -0.27
C TRP A 89 2.98 -22.72 -1.25
N ILE A 90 3.58 -23.39 -2.23
CA ILE A 90 4.32 -22.64 -3.26
C ILE A 90 3.38 -21.69 -4.02
N SER A 91 2.16 -22.14 -4.29
CA SER A 91 1.18 -21.28 -4.96
C SER A 91 0.82 -20.09 -4.09
N THR A 92 0.76 -20.32 -2.78
CA THR A 92 0.51 -19.23 -1.83
C THR A 92 1.58 -18.15 -1.95
N LEU A 93 2.84 -18.57 -2.05
CA LEU A 93 3.94 -17.63 -2.26
C LEU A 93 3.80 -16.87 -3.58
N LYS A 94 3.47 -17.57 -4.65
CA LYS A 94 3.32 -16.96 -5.98
C LYS A 94 2.22 -15.91 -6.01
N SER A 95 1.07 -16.22 -5.42
N SER A 95 1.07 -16.27 -5.44
CA SER A 95 -0.03 -15.26 -5.41
CA SER A 95 -0.04 -15.35 -5.33
C SER A 95 0.25 -14.07 -4.49
C SER A 95 0.37 -14.10 -4.56
N HIS A 96 0.95 -14.31 -3.39
CA HIS A 96 1.34 -13.21 -2.51
C HIS A 96 2.26 -12.22 -3.23
N TYR A 97 3.41 -12.72 -3.68
CA TYR A 97 4.38 -11.82 -4.29
C TYR A 97 3.79 -11.09 -5.51
N GLY A 98 3.03 -11.79 -6.33
CA GLY A 98 2.45 -11.18 -7.50
C GLY A 98 1.43 -10.10 -7.16
N ALA A 99 0.57 -10.38 -6.18
CA ALA A 99 -0.51 -9.46 -5.82
C ALA A 99 -0.05 -8.26 -5.00
N ILE A 100 1.14 -8.38 -4.40
N ILE A 100 1.15 -8.35 -4.42
CA ILE A 100 1.61 -7.43 -3.38
CA ILE A 100 1.57 -7.39 -3.40
C ILE A 100 2.80 -6.56 -3.76
C ILE A 100 2.83 -6.57 -3.71
N ALA A 101 3.85 -7.17 -4.32
CA ALA A 101 5.13 -6.47 -4.49
C ALA A 101 5.04 -5.09 -5.16
N VAL A 102 4.42 -5.03 -6.34
CA VAL A 102 4.38 -3.77 -7.06
C VAL A 102 3.31 -2.82 -6.50
N GLY A 103 2.35 -3.38 -5.76
CA GLY A 103 1.36 -2.58 -5.05
C GLY A 103 2.00 -1.87 -3.87
N GLU A 104 2.92 -2.54 -3.18
CA GLU A 104 3.72 -1.91 -2.13
C GLU A 104 4.42 -0.71 -2.72
N TYR A 105 4.99 -0.87 -3.92
CA TYR A 105 5.73 0.23 -4.52
C TYR A 105 4.76 1.37 -4.89
N ALA A 106 3.56 1.01 -5.35
CA ALA A 106 2.51 2.00 -5.57
C ALA A 106 2.17 2.75 -4.28
N ALA A 107 2.21 2.06 -3.13
CA ALA A 107 1.93 2.73 -1.86
C ALA A 107 2.91 3.87 -1.53
N VAL A 108 4.11 3.85 -2.11
CA VAL A 108 5.03 4.96 -1.95
C VAL A 108 4.34 6.26 -2.40
N THR A 109 3.56 6.15 -3.48
CA THR A 109 2.85 7.31 -4.05
C THR A 109 1.72 7.84 -3.16
N GLY A 110 0.97 6.94 -2.53
CA GLY A 110 0.02 7.35 -1.51
C GLY A 110 0.70 8.12 -0.38
N GLU A 111 1.82 7.62 0.11
CA GLU A 111 2.55 8.32 1.16
C GLU A 111 3.08 9.66 0.61
N GLY A 112 3.57 9.64 -0.62
CA GLY A 112 4.08 10.85 -1.24
C GLY A 112 3.00 11.93 -1.39
N ARG A 113 1.78 11.49 -1.68
CA ARG A 113 0.66 12.40 -1.83
C ARG A 113 0.45 13.15 -0.51
N MET A 114 0.54 12.43 0.60
CA MET A 114 0.45 13.07 1.92
C MET A 114 1.66 13.95 2.25
N ALA A 115 2.86 13.49 1.91
CA ALA A 115 4.08 14.22 2.26
C ALA A 115 4.11 15.60 1.61
N ARG A 116 3.53 15.70 0.43
CA ARG A 116 3.41 16.99 -0.27
C ARG A 116 2.14 17.77 0.09
N PHE A 117 1.00 17.08 0.14
CA PHE A 117 -0.30 17.77 0.11
C PHE A 117 -1.09 17.82 1.42
N SER A 118 -0.68 17.08 2.44
CA SER A 118 -1.40 17.18 3.71
C SER A 118 -1.09 18.51 4.37
N LYS A 119 -2.11 19.15 4.95
CA LYS A 119 -1.91 20.39 5.71
C LYS A 119 -1.35 20.19 7.13
N ALA A 120 -1.29 18.94 7.59
CA ALA A 120 -0.77 18.64 8.92
C ALA A 120 0.72 18.36 8.86
N PRO A 121 1.55 19.18 9.54
CA PRO A 121 3.01 19.05 9.48
C PRO A 121 3.51 17.68 9.96
N GLY A 122 2.92 17.13 11.01
CA GLY A 122 3.35 15.82 11.49
C GLY A 122 3.04 14.71 10.49
N ASN A 123 1.94 14.86 9.77
CA ASN A 123 1.57 13.93 8.73
C ASN A 123 2.58 13.97 7.57
N ARG A 124 2.97 15.18 7.16
CA ARG A 124 3.97 15.28 6.09
C ARG A 124 5.30 14.59 6.46
N ASN A 125 5.73 14.67 7.72
CA ASN A 125 6.96 14.00 8.14
C ASN A 125 6.79 12.49 8.29
N MET A 126 5.69 12.04 8.88
CA MET A 126 5.49 10.59 9.05
C MET A 126 5.30 9.94 7.68
N ALA A 127 4.74 10.70 6.75
CA ALA A 127 4.52 10.23 5.38
C ALA A 127 5.86 10.08 4.64
N THR A 128 6.84 10.87 5.05
CA THR A 128 8.18 10.76 4.47
C THR A 128 8.81 9.43 4.87
N PHE A 129 8.68 9.06 6.14
CA PHE A 129 9.12 7.73 6.56
C PHE A 129 8.25 6.64 5.94
N GLY A 130 6.97 6.94 5.76
CA GLY A 130 6.07 6.06 5.02
C GLY A 130 6.50 5.78 3.59
N MET A 131 6.94 6.81 2.86
CA MET A 131 7.47 6.63 1.51
C MET A 131 8.64 5.65 1.56
N MET A 132 9.51 5.86 2.54
CA MET A 132 10.68 5.00 2.69
C MET A 132 10.29 3.56 3.04
N ASP A 133 9.33 3.40 3.94
CA ASP A 133 8.85 2.07 4.32
C ASP A 133 8.32 1.31 3.11
N GLU A 134 7.48 1.94 2.30
CA GLU A 134 6.88 1.21 1.19
C GLU A 134 7.93 0.90 0.12
N LEU A 135 8.91 1.77 -0.03
CA LEU A 135 10.04 1.47 -0.91
C LEU A 135 10.72 0.18 -0.43
N ARG A 136 11.00 0.10 0.87
CA ARG A 136 11.54 -1.13 1.45
C ARG A 136 10.69 -2.34 1.08
N HIS A 137 9.39 -2.21 1.30
CA HIS A 137 8.49 -3.34 1.10
C HIS A 137 8.44 -3.82 -0.34
N GLY A 138 8.40 -2.88 -1.28
CA GLY A 138 8.41 -3.23 -2.69
C GLY A 138 9.73 -3.88 -3.07
N GLN A 139 10.85 -3.35 -2.57
CA GLN A 139 12.14 -3.92 -2.93
C GLN A 139 12.36 -5.31 -2.32
N LEU A 140 12.00 -5.48 -1.05
CA LEU A 140 12.08 -6.78 -0.40
C LEU A 140 11.28 -7.81 -1.18
N GLN A 141 10.07 -7.44 -1.58
CA GLN A 141 9.17 -8.43 -2.16
C GLN A 141 9.34 -8.64 -3.67
N LEU A 142 10.28 -7.90 -4.26
CA LEU A 142 10.85 -8.26 -5.57
C LEU A 142 12.12 -9.08 -5.36
N PHE A 143 12.96 -8.66 -4.43
CA PHE A 143 14.23 -9.36 -4.20
C PHE A 143 14.05 -10.83 -3.79
N PHE A 144 13.10 -11.08 -2.88
CA PHE A 144 12.92 -12.43 -2.33
C PHE A 144 12.46 -13.44 -3.36
N PRO A 145 11.40 -13.13 -4.13
CA PRO A 145 10.97 -14.13 -5.10
C PRO A 145 11.90 -14.24 -6.31
N HIS A 146 12.78 -13.25 -6.51
CA HIS A 146 13.62 -13.21 -7.71
C HIS A 146 14.45 -14.48 -7.89
N GLU A 147 14.94 -15.06 -6.79
CA GLU A 147 15.76 -16.26 -6.92
C GLU A 147 14.97 -17.43 -7.50
N TYR A 148 13.64 -17.36 -7.46
CA TYR A 148 12.83 -18.48 -7.93
C TYR A 148 12.47 -18.39 -9.40
N CYS A 149 12.80 -17.26 -10.03
CA CYS A 149 12.59 -17.10 -11.46
C CYS A 149 13.21 -18.28 -12.21
N LYS A 150 14.43 -18.64 -11.83
CA LYS A 150 15.17 -19.68 -12.53
C LYS A 150 14.53 -21.06 -12.37
N LYS A 151 13.56 -21.17 -11.46
CA LYS A 151 12.90 -22.45 -11.21
C LYS A 151 11.53 -22.55 -11.84
N ASP A 152 10.87 -21.42 -12.05
CA ASP A 152 9.44 -21.39 -12.30
C ASP A 152 9.00 -20.04 -12.87
N ARG A 153 8.51 -20.02 -14.11
CA ARG A 153 8.12 -18.77 -14.76
C ARG A 153 6.97 -18.05 -14.04
N GLN A 154 6.19 -18.78 -13.25
CA GLN A 154 5.12 -18.13 -12.51
C GLN A 154 5.66 -17.10 -11.51
N PHE A 155 6.91 -17.29 -11.08
CA PHE A 155 7.50 -16.32 -10.17
C PHE A 155 7.83 -15.01 -10.88
N ASP A 156 7.84 -15.04 -12.21
CA ASP A 156 8.06 -13.80 -12.96
C ASP A 156 6.95 -12.81 -12.63
N TRP A 157 5.82 -13.31 -12.18
CA TRP A 157 4.67 -12.45 -11.96
C TRP A 157 4.78 -11.59 -10.70
N ALA A 158 5.76 -11.89 -9.85
CA ALA A 158 6.07 -10.99 -8.74
C ALA A 158 6.32 -9.59 -9.31
N TRP A 159 6.99 -9.54 -10.46
CA TRP A 159 7.22 -8.29 -11.17
C TRP A 159 6.13 -7.98 -12.20
N ARG A 160 5.75 -8.98 -12.99
CA ARG A 160 4.87 -8.74 -14.13
C ARG A 160 3.40 -8.44 -13.82
N ALA A 161 2.88 -8.95 -12.71
CA ALA A 161 1.43 -8.89 -12.51
C ALA A 161 0.77 -7.52 -12.73
N TYR A 162 1.30 -6.48 -12.08
CA TYR A 162 0.71 -5.14 -12.18
C TYR A 162 0.89 -4.53 -13.56
N HIS A 163 1.76 -5.15 -14.35
CA HIS A 163 1.93 -4.73 -15.74
C HIS A 163 0.97 -5.48 -16.67
N SER A 164 0.15 -6.35 -16.11
CA SER A 164 -0.73 -7.16 -16.92
C SER A 164 -2.19 -6.74 -16.82
N ASN A 165 -3.00 -7.33 -17.70
CA ASN A 165 -4.45 -7.20 -17.62
C ASN A 165 -5.09 -8.50 -17.15
N GLU A 166 -4.31 -9.32 -16.46
CA GLU A 166 -4.83 -10.54 -15.85
C GLU A 166 -5.91 -10.11 -14.84
N TRP A 167 -6.98 -10.90 -14.72
CA TRP A 167 -8.17 -10.44 -14.01
C TRP A 167 -7.91 -10.07 -12.55
N ALA A 168 -7.09 -10.85 -11.86
CA ALA A 168 -6.78 -10.57 -10.46
C ALA A 168 -5.87 -9.36 -10.32
N ALA A 169 -5.02 -9.13 -11.32
CA ALA A 169 -4.17 -7.94 -11.31
C ALA A 169 -5.01 -6.69 -11.49
N ILE A 170 -6.06 -6.80 -12.28
CA ILE A 170 -6.99 -5.70 -12.48
C ILE A 170 -7.77 -5.45 -11.20
N ALA A 171 -8.21 -6.52 -10.55
CA ALA A 171 -8.90 -6.37 -9.27
C ALA A 171 -7.98 -5.69 -8.26
N ALA A 172 -6.71 -6.08 -8.21
CA ALA A 172 -5.75 -5.46 -7.29
C ALA A 172 -5.54 -3.98 -7.62
N LYS A 173 -5.31 -3.69 -8.89
CA LYS A 173 -5.05 -2.33 -9.32
C LYS A 173 -6.26 -1.40 -9.20
N HIS A 174 -7.45 -1.93 -9.47
CA HIS A 174 -8.66 -1.13 -9.36
C HIS A 174 -8.82 -0.71 -7.89
N PHE A 175 -8.46 -1.62 -6.99
CA PHE A 175 -8.55 -1.30 -5.56
C PHE A 175 -7.47 -0.32 -5.11
N PHE A 176 -6.21 -0.64 -5.41
CA PHE A 176 -5.12 0.20 -4.92
C PHE A 176 -5.10 1.58 -5.59
N ASP A 177 -5.47 1.63 -6.86
CA ASP A 177 -5.53 2.92 -7.54
C ASP A 177 -6.67 3.76 -6.98
N ASP A 178 -7.69 3.11 -6.42
CA ASP A 178 -8.82 3.82 -5.81
C ASP A 178 -8.46 4.36 -4.42
N ILE A 179 -7.83 3.53 -3.58
CA ILE A 179 -7.53 3.93 -2.21
C ILE A 179 -6.14 4.52 -1.96
N ILE A 180 -5.20 4.26 -2.85
CA ILE A 180 -3.82 4.70 -2.67
C ILE A 180 -3.41 5.85 -3.59
N THR A 181 -3.50 5.63 -4.89
CA THR A 181 -2.88 6.54 -5.84
C THR A 181 -3.88 7.48 -6.51
N GLY A 182 -5.17 7.20 -6.33
CA GLY A 182 -6.20 7.90 -7.07
C GLY A 182 -6.98 8.99 -6.36
N ARG A 183 -6.61 9.30 -5.11
CA ARG A 183 -7.36 10.30 -4.33
C ARG A 183 -6.47 11.26 -3.56
N ASP A 184 -7.10 12.29 -3.00
CA ASP A 184 -6.43 13.31 -2.21
C ASP A 184 -5.76 12.76 -0.96
N ALA A 185 -4.89 13.58 -0.37
CA ALA A 185 -4.08 13.18 0.79
C ALA A 185 -4.92 12.73 1.99
N ILE A 186 -5.97 13.46 2.31
CA ILE A 186 -6.77 13.06 3.45
C ILE A 186 -7.50 11.75 3.18
N SER A 187 -8.00 11.56 1.96
CA SER A 187 -8.59 10.27 1.60
C SER A 187 -7.57 9.13 1.75
N VAL A 188 -6.33 9.37 1.31
CA VAL A 188 -5.28 8.39 1.52
C VAL A 188 -5.11 8.10 3.03
N ALA A 189 -5.03 9.13 3.85
CA ALA A 189 -4.83 8.91 5.28
C ALA A 189 -5.91 8.00 5.85
N ILE A 190 -7.14 8.21 5.42
CA ILE A 190 -8.27 7.47 5.99
C ILE A 190 -8.47 6.09 5.37
N MET A 191 -8.42 6.02 4.05
CA MET A 191 -8.68 4.78 3.34
C MET A 191 -7.48 3.83 3.35
N LEU A 192 -6.29 4.38 3.17
CA LEU A 192 -5.08 3.57 3.18
C LEU A 192 -4.55 3.37 4.61
N THR A 193 -4.11 4.43 5.27
CA THR A 193 -3.38 4.20 6.52
C THR A 193 -4.29 3.69 7.64
N PHE A 194 -5.47 4.27 7.79
CA PHE A 194 -6.39 3.75 8.80
C PHE A 194 -7.06 2.44 8.38
N SER A 195 -7.93 2.52 7.38
CA SER A 195 -8.78 1.37 7.02
C SER A 195 -8.00 0.13 6.58
N PHE A 196 -7.20 0.28 5.53
CA PHE A 196 -6.48 -0.86 4.98
C PHE A 196 -5.32 -1.28 5.88
N GLU A 197 -4.52 -0.32 6.32
CA GLU A 197 -3.24 -0.66 6.96
C GLU A 197 -3.33 -0.96 8.46
N THR A 198 -4.34 -0.43 9.14
CA THR A 198 -4.55 -0.88 10.51
C THR A 198 -5.56 -2.01 10.53
N GLY A 199 -6.35 -2.10 9.48
CA GLY A 199 -7.46 -3.03 9.43
C GLY A 199 -7.17 -4.39 8.83
N PHE A 200 -6.85 -4.42 7.53
CA PHE A 200 -6.79 -5.68 6.81
C PHE A 200 -5.42 -6.32 6.59
N THR A 201 -4.38 -5.51 6.44
CA THR A 201 -3.08 -6.09 6.06
C THR A 201 -2.60 -7.11 7.09
N ASN A 202 -2.97 -6.93 8.36
CA ASN A 202 -2.59 -7.91 9.38
C ASN A 202 -2.96 -9.35 8.99
N MET A 203 -4.05 -9.51 8.24
CA MET A 203 -4.48 -10.83 7.79
C MET A 203 -3.43 -11.49 6.88
N GLN A 204 -2.88 -10.71 5.95
CA GLN A 204 -1.96 -11.27 4.95
C GLN A 204 -0.51 -11.31 5.43
N PHE A 205 -0.14 -10.38 6.29
CA PHE A 205 1.24 -10.27 6.74
C PHE A 205 1.52 -10.88 8.12
N LEU A 206 0.46 -11.14 8.90
CA LEU A 206 0.65 -11.83 10.17
C LEU A 206 -0.18 -13.11 10.27
N GLY A 207 -1.46 -13.04 9.89
CA GLY A 207 -2.26 -14.25 9.82
C GLY A 207 -1.57 -15.29 8.95
N LEU A 208 -1.17 -14.87 7.76
CA LEU A 208 -0.47 -15.79 6.84
C LEU A 208 0.88 -16.19 7.42
N ALA A 209 1.53 -15.30 8.19
CA ALA A 209 2.84 -15.63 8.74
C ALA A 209 2.73 -16.81 9.72
N ALA A 210 1.63 -16.86 10.47
CA ALA A 210 1.36 -18.00 11.35
C ALA A 210 1.31 -19.29 10.55
N ASP A 211 0.58 -19.26 9.43
CA ASP A 211 0.50 -20.46 8.59
C ASP A 211 1.87 -20.81 8.02
N ALA A 212 2.63 -19.78 7.62
CA ALA A 212 3.96 -19.99 7.05
C ALA A 212 4.89 -20.65 8.08
N ALA A 213 4.79 -20.23 9.33
CA ALA A 213 5.63 -20.83 10.38
C ALA A 213 5.25 -22.29 10.59
N GLU A 214 3.94 -22.58 10.57
CA GLU A 214 3.50 -23.98 10.71
C GLU A 214 4.04 -24.80 9.53
N ALA A 215 4.06 -24.19 8.35
CA ALA A 215 4.55 -24.85 7.15
C ALA A 215 6.07 -24.96 7.10
N GLY A 216 6.74 -24.33 8.06
CA GLY A 216 8.18 -24.42 8.15
C GLY A 216 8.90 -23.52 7.15
N ASP A 217 8.22 -22.47 6.67
CA ASP A 217 8.83 -21.51 5.76
C ASP A 217 9.18 -20.25 6.53
N TYR A 218 10.32 -20.29 7.22
CA TYR A 218 10.69 -19.19 8.10
C TYR A 218 11.22 -17.96 7.35
N THR A 219 11.82 -18.18 6.20
CA THR A 219 12.24 -17.06 5.38
C THR A 219 11.06 -16.13 5.10
N PHE A 220 9.93 -16.72 4.73
CA PHE A 220 8.75 -15.93 4.37
C PHE A 220 8.05 -15.35 5.59
N ALA A 221 7.83 -16.17 6.62
CA ALA A 221 7.17 -15.70 7.83
C ALA A 221 7.98 -14.57 8.49
N ASN A 222 9.29 -14.73 8.53
CA ASN A 222 10.17 -13.70 9.10
C ASN A 222 10.13 -12.41 8.26
N LEU A 223 10.09 -12.55 6.94
CA LEU A 223 10.00 -11.41 6.03
C LEU A 223 8.74 -10.58 6.25
N ILE A 224 7.58 -11.21 6.12
CA ILE A 224 6.33 -10.45 6.18
C ILE A 224 6.04 -9.88 7.58
N SER A 225 6.43 -10.62 8.62
CA SER A 225 6.26 -10.09 9.97
C SER A 225 7.16 -8.86 10.20
N SER A 226 8.36 -8.85 9.62
CA SER A 226 9.22 -7.67 9.73
C SER A 226 8.62 -6.49 8.97
N ILE A 227 8.10 -6.76 7.79
CA ILE A 227 7.41 -5.74 7.02
C ILE A 227 6.28 -5.09 7.84
N GLN A 228 5.54 -5.91 8.56
CA GLN A 228 4.36 -5.40 9.27
C GLN A 228 4.76 -4.52 10.46
N THR A 229 6.01 -4.63 10.93
CA THR A 229 6.49 -3.71 11.96
C THR A 229 6.56 -2.27 11.44
N ASP A 230 6.83 -2.10 10.14
CA ASP A 230 6.80 -0.76 9.55
C ASP A 230 5.36 -0.27 9.41
N GLU A 231 4.50 -1.18 8.94
CA GLU A 231 3.08 -0.88 8.76
C GLU A 231 2.53 -0.34 10.07
N SER A 232 2.90 -0.98 11.16
CA SER A 232 2.32 -0.63 12.47
C SER A 232 2.62 0.81 12.84
N ARG A 233 3.75 1.33 12.37
CA ARG A 233 4.13 2.72 12.63
C ARG A 233 3.44 3.67 11.65
N HIS A 234 3.61 3.46 10.36
CA HIS A 234 3.06 4.46 9.41
C HIS A 234 1.54 4.41 9.28
N ALA A 235 0.94 3.29 9.68
CA ALA A 235 -0.53 3.18 9.66
C ALA A 235 -1.15 4.14 10.65
N GLN A 236 -0.35 4.55 11.63
CA GLN A 236 -0.87 5.41 12.71
C GLN A 236 -0.98 6.87 12.29
N GLN A 237 -0.85 7.13 10.99
CA GLN A 237 -1.15 8.46 10.47
C GLN A 237 -2.66 8.71 10.31
N GLY A 238 -3.43 7.63 10.22
CA GLY A 238 -4.85 7.73 9.91
C GLY A 238 -5.70 8.20 11.07
N GLY A 239 -5.50 7.57 12.22
CA GLY A 239 -6.26 7.91 13.43
C GLY A 239 -6.30 9.39 13.80
N PRO A 240 -5.13 10.04 13.89
CA PRO A 240 -5.11 11.47 14.18
C PRO A 240 -5.81 12.33 13.10
N ALA A 241 -5.74 11.91 11.85
CA ALA A 241 -6.51 12.58 10.80
C ALA A 241 -8.00 12.45 11.06
N LEU A 242 -8.43 11.24 11.39
CA LEU A 242 -9.85 10.98 11.64
C LEU A 242 -10.33 11.82 12.83
N GLN A 243 -9.52 11.86 13.88
CA GLN A 243 -9.93 12.57 15.09
C GLN A 243 -10.09 14.05 14.80
N LEU A 244 -9.20 14.57 13.97
CA LEU A 244 -9.22 15.96 13.56
C LEU A 244 -10.44 16.28 12.69
N LEU A 245 -10.76 15.41 11.75
CA LEU A 245 -11.97 15.60 10.95
C LEU A 245 -13.22 15.63 11.83
N ILE A 246 -13.30 14.71 12.78
CA ILE A 246 -14.47 14.67 13.66
C ILE A 246 -14.58 15.93 14.49
N GLU A 247 -13.46 16.39 15.02
CA GLU A 247 -13.42 17.63 15.80
C GLU A 247 -13.84 18.84 14.96
N ASN A 248 -13.64 18.76 13.66
CA ASN A 248 -13.92 19.90 12.79
C ASN A 248 -15.19 19.74 11.97
N GLY A 249 -16.08 18.89 12.46
CA GLY A 249 -17.41 18.77 11.90
C GLY A 249 -17.51 17.92 10.65
N LYS A 250 -16.52 17.07 10.42
CA LYS A 250 -16.54 16.24 9.22
C LYS A 250 -16.70 14.75 9.55
N ARG A 251 -17.41 14.43 10.62
CA ARG A 251 -17.59 13.04 10.99
C ARG A 251 -18.27 12.22 9.88
N GLU A 252 -19.34 12.75 9.32
N GLU A 252 -19.37 12.72 9.32
CA GLU A 252 -20.09 12.09 8.27
CA GLU A 252 -20.06 11.96 8.26
C GLU A 252 -19.20 11.71 7.07
C GLU A 252 -19.13 11.67 7.07
N GLU A 253 -18.39 12.68 6.63
CA GLU A 253 -17.47 12.47 5.50
C GLU A 253 -16.38 11.45 5.83
N ALA A 254 -15.84 11.52 7.04
CA ALA A 254 -14.83 10.57 7.49
C ALA A 254 -15.40 9.14 7.57
N GLN A 255 -16.58 9.01 8.14
CA GLN A 255 -17.19 7.70 8.32
C GLN A 255 -17.42 7.04 6.95
N LYS A 256 -17.86 7.83 5.98
CA LYS A 256 -18.17 7.27 4.65
C LYS A 256 -16.92 6.73 4.00
N LYS A 257 -15.80 7.41 4.20
CA LYS A 257 -14.55 6.96 3.58
C LYS A 257 -14.06 5.67 4.23
N VAL A 258 -14.16 5.59 5.54
CA VAL A 258 -13.84 4.35 6.24
C VAL A 258 -14.71 3.19 5.76
N ASP A 259 -16.04 3.41 5.75
CA ASP A 259 -16.98 2.38 5.34
C ASP A 259 -16.66 1.87 3.94
N MET A 260 -16.38 2.78 3.02
N MET A 260 -16.38 2.80 3.03
CA MET A 260 -16.03 2.44 1.64
CA MET A 260 -16.01 2.47 1.66
C MET A 260 -14.73 1.62 1.57
C MET A 260 -14.75 1.61 1.62
N ALA A 261 -13.68 2.10 2.24
CA ALA A 261 -12.38 1.46 2.12
C ALA A 261 -12.37 0.06 2.72
N ILE A 262 -13.06 -0.11 3.84
N ILE A 262 -13.07 -0.11 3.83
CA ILE A 262 -13.10 -1.42 4.49
CA ILE A 262 -13.15 -1.40 4.51
C ILE A 262 -13.82 -2.46 3.62
C ILE A 262 -13.82 -2.44 3.61
N TRP A 263 -14.93 -2.08 2.98
CA TRP A 263 -15.63 -3.04 2.11
C TRP A 263 -14.78 -3.39 0.89
N ARG A 264 -14.18 -2.39 0.26
CA ARG A 264 -13.34 -2.64 -0.91
C ARG A 264 -12.18 -3.57 -0.55
N ALA A 265 -11.55 -3.32 0.59
CA ALA A 265 -10.45 -4.16 1.06
C ALA A 265 -10.94 -5.59 1.33
N TRP A 266 -12.12 -5.70 1.92
CA TRP A 266 -12.70 -7.01 2.26
C TRP A 266 -12.85 -7.91 1.03
N ARG A 267 -13.39 -7.36 -0.06
CA ARG A 267 -13.65 -8.20 -1.24
C ARG A 267 -12.34 -8.70 -1.84
N LEU A 268 -11.31 -7.86 -1.83
CA LEU A 268 -10.00 -8.28 -2.35
C LEU A 268 -9.40 -9.37 -1.47
N PHE A 269 -9.42 -9.18 -0.16
CA PHE A 269 -8.84 -10.18 0.74
C PHE A 269 -9.60 -11.50 0.75
N ALA A 270 -10.88 -11.43 0.43
CA ALA A 270 -11.71 -12.62 0.37
C ALA A 270 -11.27 -13.52 -0.80
N VAL A 271 -10.78 -12.93 -1.88
CA VAL A 271 -10.33 -13.73 -3.03
C VAL A 271 -8.85 -14.10 -2.95
N LEU A 272 -8.04 -13.26 -2.30
CA LEU A 272 -6.60 -13.51 -2.16
C LEU A 272 -6.25 -14.37 -0.93
N THR A 273 -6.63 -13.87 0.24
CA THR A 273 -6.27 -14.48 1.51
C THR A 273 -7.20 -15.64 1.91
N GLY A 274 -8.49 -15.51 1.59
CA GLY A 274 -9.46 -16.55 1.91
C GLY A 274 -9.11 -17.94 1.39
N PRO A 275 -8.88 -18.06 0.07
CA PRO A 275 -8.55 -19.37 -0.50
C PRO A 275 -7.22 -19.86 0.06
N VAL A 276 -6.27 -18.95 0.27
CA VAL A 276 -4.97 -19.34 0.80
C VAL A 276 -5.13 -20.01 2.15
N MET A 277 -5.88 -19.36 3.04
CA MET A 277 -5.99 -19.85 4.40
C MET A 277 -6.80 -21.13 4.56
N ASP A 278 -7.85 -21.29 3.76
CA ASP A 278 -8.77 -22.42 3.96
C ASP A 278 -8.61 -23.54 2.94
N TYR A 279 -7.78 -23.34 1.92
CA TYR A 279 -7.67 -24.34 0.87
C TYR A 279 -6.21 -24.60 0.43
N TYR A 280 -5.44 -23.56 0.09
CA TYR A 280 -4.07 -23.80 -0.41
C TYR A 280 -3.11 -24.25 0.68
N THR A 281 -3.20 -23.63 1.85
CA THR A 281 -2.34 -23.99 2.96
C THR A 281 -2.67 -25.42 3.41
N PRO A 282 -1.66 -26.29 3.50
CA PRO A 282 -1.97 -27.66 3.92
C PRO A 282 -2.75 -27.70 5.22
N LEU A 283 -3.74 -28.58 5.29
CA LEU A 283 -4.58 -28.71 6.47
C LEU A 283 -3.78 -28.69 7.77
N GLU A 284 -2.67 -29.42 7.80
CA GLU A 284 -1.87 -29.51 9.01
C GLU A 284 -1.26 -28.17 9.39
N ASP A 285 -1.23 -27.25 8.44
CA ASP A 285 -0.61 -25.95 8.68
C ASP A 285 -1.58 -24.79 8.87
N ARG A 286 -2.87 -25.09 8.96
CA ARG A 286 -3.87 -24.04 9.15
C ARG A 286 -3.99 -23.66 10.63
N SER A 287 -3.28 -22.62 11.00
CA SER A 287 -3.22 -22.19 12.41
C SER A 287 -4.62 -21.88 12.92
N GLN A 288 -5.36 -21.13 12.11
CA GLN A 288 -6.78 -20.89 12.33
C GLN A 288 -7.46 -20.81 10.97
N SER A 289 -8.78 -20.92 10.94
CA SER A 289 -9.50 -20.74 9.69
C SER A 289 -9.50 -19.26 9.31
N PHE A 290 -9.82 -18.98 8.05
CA PHE A 290 -9.97 -17.61 7.56
C PHE A 290 -10.96 -16.81 8.42
N LYS A 291 -12.10 -17.42 8.74
CA LYS A 291 -13.09 -16.75 9.57
C LYS A 291 -12.53 -16.46 10.95
N GLU A 292 -11.85 -17.44 11.53
CA GLU A 292 -11.23 -17.26 12.84
C GLU A 292 -10.25 -16.09 12.86
N PHE A 293 -9.38 -16.04 11.84
CA PHE A 293 -8.46 -14.91 11.71
C PHE A 293 -9.19 -13.59 11.51
N MET A 294 -10.26 -13.58 10.71
CA MET A 294 -11.11 -12.36 10.57
C MET A 294 -11.63 -11.89 11.93
N TYR A 295 -12.10 -12.83 12.75
CA TYR A 295 -12.68 -12.47 14.03
C TYR A 295 -11.62 -11.94 14.99
N GLU A 296 -10.40 -12.47 14.89
CA GLU A 296 -9.29 -11.97 15.68
C GLU A 296 -8.88 -10.58 15.21
N TRP A 297 -8.56 -10.45 13.93
CA TRP A 297 -7.90 -9.26 13.41
C TRP A 297 -8.85 -8.12 13.03
N ILE A 298 -9.95 -8.44 12.35
CA ILE A 298 -10.89 -7.41 11.89
C ILE A 298 -11.93 -7.04 12.94
N ILE A 299 -12.56 -8.05 13.52
CA ILE A 299 -13.60 -7.76 14.53
C ILE A 299 -13.00 -7.43 15.89
N GLY A 300 -12.26 -8.37 16.46
CA GLY A 300 -11.73 -8.20 17.81
C GLY A 300 -10.76 -7.04 17.95
N GLN A 301 -9.88 -6.87 16.97
CA GLN A 301 -8.89 -5.82 17.05
C GLN A 301 -9.33 -4.55 16.32
N PHE A 302 -9.43 -4.59 15.00
CA PHE A 302 -9.67 -3.36 14.23
C PHE A 302 -10.99 -2.66 14.57
N GLU A 303 -12.10 -3.38 14.47
CA GLU A 303 -13.39 -2.77 14.73
C GLU A 303 -13.48 -2.15 16.13
N ARG A 304 -12.91 -2.80 17.12
CA ARG A 304 -12.91 -2.26 18.48
C ARG A 304 -12.11 -0.95 18.55
N SER A 305 -11.01 -0.89 17.81
CA SER A 305 -10.18 0.31 17.72
C SER A 305 -10.93 1.46 17.03
N LEU A 306 -11.68 1.12 15.99
CA LEU A 306 -12.48 2.10 15.27
C LEU A 306 -13.54 2.72 16.20
N ILE A 307 -14.19 1.89 16.99
CA ILE A 307 -15.15 2.35 17.97
CA ILE A 307 -15.15 2.35 17.98
C ILE A 307 -14.46 3.24 19.02
N ASP A 308 -13.28 2.82 19.47
CA ASP A 308 -12.56 3.60 20.47
C ASP A 308 -12.26 5.01 19.98
N LEU A 309 -11.99 5.15 18.69
CA LEU A 309 -11.65 6.46 18.13
C LEU A 309 -12.87 7.35 17.95
N GLY A 310 -14.06 6.77 18.11
CA GLY A 310 -15.27 7.57 18.05
C GLY A 310 -16.10 7.40 16.78
N LEU A 311 -15.70 6.45 15.92
CA LEU A 311 -16.48 6.16 14.73
C LEU A 311 -17.52 5.08 15.02
N ASP A 312 -18.41 4.83 14.07
CA ASP A 312 -19.46 3.84 14.26
C ASP A 312 -19.16 2.59 13.43
N LYS A 313 -19.70 1.46 13.86
CA LYS A 313 -19.73 0.25 13.05
C LYS A 313 -20.32 0.61 11.70
N PRO A 314 -19.79 0.01 10.63
CA PRO A 314 -20.32 0.31 9.30
C PRO A 314 -21.81 -0.07 9.18
N TRP A 315 -22.56 0.66 8.36
CA TRP A 315 -23.97 0.36 8.12
C TRP A 315 -24.19 -1.06 7.64
N TYR A 316 -23.16 -1.64 7.01
CA TYR A 316 -23.30 -2.95 6.39
C TYR A 316 -22.82 -4.09 7.28
N TRP A 317 -22.67 -3.81 8.58
CA TRP A 317 -22.13 -4.78 9.54
C TRP A 317 -22.67 -6.19 9.38
N ASP A 318 -23.99 -6.34 9.44
CA ASP A 318 -24.58 -7.67 9.38
C ASP A 318 -24.34 -8.38 8.04
N LEU A 319 -24.35 -7.62 6.94
CA LEU A 319 -24.00 -8.18 5.62
C LEU A 319 -22.57 -8.66 5.64
N PHE A 320 -21.72 -7.89 6.32
CA PHE A 320 -20.29 -8.20 6.38
C PHE A 320 -20.09 -9.55 7.08
N LEU A 321 -20.78 -9.74 8.21
CA LEU A 321 -20.63 -10.97 8.98
C LEU A 321 -21.12 -12.19 8.21
N LYS A 322 -22.24 -12.06 7.53
CA LYS A 322 -22.74 -13.14 6.68
C LYS A 322 -21.72 -13.45 5.59
N ASP A 323 -21.16 -12.39 4.99
CA ASP A 323 -20.15 -12.54 3.95
C ASP A 323 -18.92 -13.33 4.42
N ILE A 324 -18.48 -13.09 5.66
CA ILE A 324 -17.31 -13.80 6.19
C ILE A 324 -17.56 -15.31 6.22
N ASP A 325 -18.82 -15.70 6.45
CA ASP A 325 -19.18 -17.12 6.47
C ASP A 325 -19.19 -17.77 5.10
N GLU A 326 -19.31 -16.95 4.05
CA GLU A 326 -19.77 -17.44 2.75
C GLU A 326 -18.89 -17.10 1.54
N LEU A 327 -18.53 -15.83 1.43
CA LEU A 327 -17.95 -15.31 0.19
C LEU A 327 -16.68 -16.07 -0.30
N HIS A 328 -15.69 -16.22 0.56
CA HIS A 328 -14.41 -16.77 0.10
C HIS A 328 -14.56 -18.22 -0.38
N HIS A 329 -15.55 -18.95 0.13
CA HIS A 329 -15.73 -20.33 -0.31
C HIS A 329 -16.08 -20.34 -1.78
N SER A 330 -16.83 -19.32 -2.20
CA SER A 330 -17.24 -19.20 -3.60
C SER A 330 -16.13 -18.57 -4.45
N TYR A 331 -15.46 -17.56 -3.91
CA TYR A 331 -14.33 -16.95 -4.61
C TYR A 331 -13.27 -18.03 -4.88
N HIS A 332 -13.02 -18.88 -3.90
CA HIS A 332 -12.08 -19.99 -4.07
C HIS A 332 -12.51 -20.92 -5.21
N MET A 333 -13.77 -21.31 -5.19
CA MET A 333 -14.35 -22.17 -6.22
C MET A 333 -14.18 -21.55 -7.60
N GLY A 334 -14.41 -20.24 -7.69
CA GLY A 334 -14.22 -19.51 -8.93
C GLY A 334 -12.78 -19.45 -9.39
N VAL A 335 -11.86 -19.14 -8.48
CA VAL A 335 -10.46 -19.06 -8.85
C VAL A 335 -9.96 -20.41 -9.34
N TRP A 336 -10.44 -21.48 -8.69
CA TRP A 336 -9.99 -22.82 -9.04
C TRP A 336 -10.58 -23.30 -10.38
N TYR A 337 -11.89 -23.13 -10.56
CA TYR A 337 -12.50 -23.59 -11.81
C TYR A 337 -11.87 -22.87 -13.01
N TRP A 338 -11.61 -21.57 -12.84
CA TRP A 338 -10.97 -20.77 -13.88
C TRP A 338 -9.47 -20.62 -13.61
N ARG A 339 -8.88 -21.64 -12.98
CA ARG A 339 -7.46 -21.61 -12.61
C ARG A 339 -6.52 -21.24 -13.75
N THR A 340 -6.91 -21.56 -14.98
CA THR A 340 -6.01 -21.35 -16.12
C THR A 340 -5.73 -19.87 -16.38
N THR A 341 -6.58 -18.99 -15.85
CA THR A 341 -6.37 -17.55 -15.98
C THR A 341 -5.59 -16.94 -14.80
N ALA A 342 -5.18 -17.77 -13.85
CA ALA A 342 -4.37 -17.27 -12.72
C ALA A 342 -2.89 -17.52 -12.99
N TRP A 343 -2.02 -16.82 -12.26
CA TRP A 343 -0.58 -17.01 -12.43
C TRP A 343 -0.01 -17.92 -11.34
N TRP A 344 -0.89 -18.44 -10.50
CA TRP A 344 -0.53 -19.44 -9.51
C TRP A 344 -1.38 -20.69 -9.72
N ASN A 345 -1.01 -21.77 -9.04
CA ASN A 345 -1.70 -23.05 -9.23
C ASN A 345 -2.62 -23.33 -8.04
N PRO A 346 -3.92 -23.03 -8.16
CA PRO A 346 -4.81 -23.18 -7.00
C PRO A 346 -4.95 -24.65 -6.57
N ALA A 347 -4.92 -24.92 -5.26
CA ALA A 347 -5.21 -26.24 -4.74
C ALA A 347 -6.72 -26.35 -4.47
N ALA A 348 -7.33 -27.46 -4.85
CA ALA A 348 -8.76 -27.62 -4.65
C ALA A 348 -9.12 -27.67 -3.17
N GLY A 349 -8.33 -28.39 -2.38
CA GLY A 349 -8.52 -28.42 -0.95
C GLY A 349 -9.77 -29.13 -0.47
N VAL A 350 -10.21 -30.15 -1.20
CA VAL A 350 -11.42 -30.87 -0.84
C VAL A 350 -11.25 -32.38 -0.68
N THR A 351 -10.15 -32.81 -0.09
CA THR A 351 -10.01 -34.21 0.27
C THR A 351 -10.97 -34.46 1.42
N PRO A 352 -11.35 -35.73 1.64
CA PRO A 352 -12.31 -35.98 2.72
C PRO A 352 -11.84 -35.41 4.06
N GLU A 353 -10.55 -35.47 4.33
CA GLU A 353 -10.04 -34.96 5.59
C GLU A 353 -10.24 -33.44 5.65
N GLU A 354 -10.01 -32.78 4.52
CA GLU A 354 -10.19 -31.33 4.46
C GLU A 354 -11.66 -30.94 4.58
N ARG A 355 -12.54 -31.72 3.95
CA ARG A 355 -13.97 -31.40 3.98
C ARG A 355 -14.56 -31.54 5.37
N ASP A 356 -14.00 -32.44 6.18
CA ASP A 356 -14.38 -32.56 7.57
C ASP A 356 -13.99 -31.31 8.36
N TRP A 357 -12.82 -30.78 8.05
CA TRP A 357 -12.33 -29.56 8.71
C TRP A 357 -13.21 -28.38 8.31
N LEU A 358 -13.48 -28.27 7.01
CA LEU A 358 -14.38 -27.22 6.52
C LEU A 358 -15.77 -27.31 7.17
N GLU A 359 -16.28 -28.52 7.34
CA GLU A 359 -17.62 -28.69 7.92
C GLU A 359 -17.59 -28.24 9.38
N GLU A 360 -16.49 -28.53 10.05
CA GLU A 360 -16.32 -28.12 11.43
C GLU A 360 -16.21 -26.60 11.55
N LYS A 361 -15.44 -25.99 10.66
CA LYS A 361 -15.22 -24.54 10.71
C LYS A 361 -16.39 -23.75 10.11
N TYR A 362 -17.19 -24.42 9.29
CA TYR A 362 -18.32 -23.76 8.64
C TYR A 362 -19.49 -24.72 8.52
N PRO A 363 -20.21 -24.92 9.63
CA PRO A 363 -21.28 -25.92 9.64
C PRO A 363 -22.21 -25.70 8.46
N GLY A 364 -22.50 -26.76 7.71
CA GLY A 364 -23.34 -26.65 6.53
C GLY A 364 -22.60 -26.58 5.20
N TRP A 365 -21.27 -26.56 5.27
CA TRP A 365 -20.43 -26.42 4.08
C TRP A 365 -20.67 -27.53 3.06
N ASN A 366 -20.77 -28.77 3.53
CA ASN A 366 -20.92 -29.90 2.64
C ASN A 366 -22.23 -29.94 1.88
N LYS A 367 -23.27 -29.34 2.46
CA LYS A 367 -24.58 -29.28 1.79
C LYS A 367 -24.68 -28.05 0.88
N ARG A 368 -23.62 -27.24 0.88
CA ARG A 368 -23.57 -26.06 0.02
C ARG A 368 -22.49 -26.20 -1.04
N TRP A 369 -21.31 -25.66 -0.78
CA TRP A 369 -20.18 -25.79 -1.71
C TRP A 369 -19.83 -27.25 -1.96
N GLY A 370 -20.03 -28.09 -0.94
CA GLY A 370 -19.76 -29.51 -1.07
C GLY A 370 -20.52 -30.14 -2.22
N ARG A 371 -21.70 -29.60 -2.53
CA ARG A 371 -22.50 -30.11 -3.65
C ARG A 371 -21.79 -29.93 -5.00
N CYS A 372 -21.17 -28.77 -5.19
CA CYS A 372 -20.41 -28.51 -6.41
C CYS A 372 -19.12 -29.33 -6.45
N TRP A 373 -18.44 -29.40 -5.32
CA TRP A 373 -17.23 -30.19 -5.26
C TRP A 373 -17.52 -31.68 -5.47
N ASP A 374 -18.73 -32.11 -5.12
CA ASP A 374 -19.15 -33.48 -5.38
C ASP A 374 -19.17 -33.77 -6.89
N VAL A 375 -19.74 -32.86 -7.66
CA VAL A 375 -19.82 -33.01 -9.11
C VAL A 375 -18.42 -32.99 -9.72
N ILE A 376 -17.62 -32.02 -9.29
CA ILE A 376 -16.25 -31.88 -9.76
C ILE A 376 -15.41 -33.11 -9.47
N THR A 377 -15.45 -33.57 -8.23
CA THR A 377 -14.71 -34.76 -7.83
C THR A 377 -15.12 -35.99 -8.66
N GLU A 378 -16.41 -36.20 -8.83
CA GLU A 378 -16.90 -37.32 -9.65
C GLU A 378 -16.31 -37.28 -11.06
N ASN A 379 -16.30 -36.10 -11.66
CA ASN A 379 -15.74 -35.94 -13.00
C ASN A 379 -14.26 -36.32 -13.00
N VAL A 380 -13.53 -35.85 -12.00
CA VAL A 380 -12.10 -36.15 -11.89
C VAL A 380 -11.83 -37.65 -11.73
N LEU A 381 -12.69 -38.33 -10.97
CA LEU A 381 -12.52 -39.77 -10.74
C LEU A 381 -12.90 -40.58 -11.97
N ASN A 382 -13.72 -40.00 -12.84
CA ASN A 382 -14.12 -40.67 -14.07
C ASN A 382 -13.37 -40.11 -15.28
N ASP A 383 -12.32 -39.35 -14.99
CA ASP A 383 -11.47 -38.74 -16.01
C ASP A 383 -12.22 -37.92 -17.07
N ARG A 384 -13.36 -37.35 -16.68
CA ARG A 384 -14.08 -36.42 -17.56
C ARG A 384 -13.51 -35.02 -17.33
N MET A 385 -12.28 -34.81 -17.77
CA MET A 385 -11.56 -33.59 -17.46
C MET A 385 -12.09 -32.36 -18.20
N ASP A 386 -12.76 -32.58 -19.32
CA ASP A 386 -13.34 -31.44 -20.03
C ASP A 386 -14.39 -30.72 -19.19
N LEU A 387 -15.00 -31.43 -18.24
CA LEU A 387 -16.05 -30.85 -17.39
C LEU A 387 -15.46 -30.09 -16.19
N VAL A 388 -14.14 -30.08 -16.08
CA VAL A 388 -13.47 -29.37 -15.01
C VAL A 388 -12.68 -28.18 -15.53
N SER A 389 -13.02 -27.75 -16.74
CA SER A 389 -12.46 -26.54 -17.33
C SER A 389 -13.54 -25.74 -18.05
N PRO A 390 -13.53 -24.41 -17.88
CA PRO A 390 -14.62 -23.56 -18.36
C PRO A 390 -14.59 -23.32 -19.87
N GLU A 391 -15.75 -23.04 -20.43
CA GLU A 391 -15.86 -22.71 -21.84
C GLU A 391 -16.58 -21.37 -22.00
N THR A 392 -16.60 -20.59 -20.93
CA THR A 392 -17.16 -19.24 -20.98
C THR A 392 -16.60 -18.39 -19.85
N LEU A 393 -16.91 -17.09 -19.87
CA LEU A 393 -16.43 -16.16 -18.85
C LEU A 393 -17.38 -16.11 -17.66
N PRO A 394 -16.86 -15.88 -16.46
CA PRO A 394 -17.77 -15.57 -15.36
C PRO A 394 -18.23 -14.13 -15.51
N SER A 395 -19.42 -13.82 -14.99
CA SER A 395 -19.87 -12.45 -14.87
C SER A 395 -19.06 -11.80 -13.74
N VAL A 396 -18.64 -10.55 -13.95
CA VAL A 396 -17.70 -9.88 -13.05
C VAL A 396 -18.24 -8.59 -12.44
N CYS A 397 -17.94 -8.34 -11.17
CA CYS A 397 -18.42 -7.14 -10.49
C CYS A 397 -17.77 -5.88 -11.07
N ASN A 398 -18.58 -4.85 -11.32
CA ASN A 398 -18.05 -3.57 -11.82
C ASN A 398 -17.31 -2.75 -10.78
N MET A 399 -17.31 -3.21 -9.53
CA MET A 399 -16.51 -2.57 -8.50
C MET A 399 -15.30 -3.43 -8.17
N SER A 400 -15.53 -4.63 -7.64
CA SER A 400 -14.39 -5.42 -7.16
C SER A 400 -13.57 -6.08 -8.27
N GLN A 401 -14.16 -6.22 -9.45
CA GLN A 401 -13.52 -6.90 -10.58
C GLN A 401 -13.36 -8.39 -10.34
N ILE A 402 -14.18 -8.95 -9.44
CA ILE A 402 -14.11 -10.36 -9.10
C ILE A 402 -15.46 -10.99 -9.48
N PRO A 403 -15.46 -12.26 -9.90
CA PRO A 403 -16.71 -12.89 -10.35
C PRO A 403 -17.91 -12.72 -9.41
N LEU A 404 -19.11 -12.70 -9.98
CA LEU A 404 -20.34 -12.52 -9.21
C LEU A 404 -20.82 -13.87 -8.66
N VAL A 405 -20.84 -14.02 -7.35
CA VAL A 405 -21.11 -15.33 -6.75
C VAL A 405 -22.23 -15.34 -5.71
N GLY A 406 -22.63 -16.53 -5.29
CA GLY A 406 -23.61 -16.68 -4.22
C GLY A 406 -23.37 -17.99 -3.46
N VAL A 407 -24.39 -18.48 -2.78
CA VAL A 407 -24.29 -19.76 -2.07
C VAL A 407 -24.89 -20.87 -2.91
N PRO A 408 -24.11 -21.91 -3.24
CA PRO A 408 -24.61 -22.98 -4.09
C PRO A 408 -25.27 -24.10 -3.28
N GLY A 409 -25.83 -25.09 -3.96
CA GLY A 409 -26.29 -26.30 -3.30
C GLY A 409 -27.69 -26.24 -2.73
N ASP A 410 -27.87 -26.93 -1.60
CA ASP A 410 -29.19 -27.17 -1.02
C ASP A 410 -30.03 -25.91 -0.83
N ASP A 411 -29.47 -24.87 -0.23
CA ASP A 411 -30.21 -23.63 -0.10
C ASP A 411 -29.63 -22.53 -0.98
N TRP A 412 -29.56 -22.82 -2.28
CA TRP A 412 -29.10 -21.89 -3.30
C TRP A 412 -29.64 -20.49 -3.09
N ASN A 413 -28.73 -19.51 -3.07
CA ASN A 413 -29.13 -18.12 -3.12
C ASN A 413 -28.02 -17.29 -3.73
N ILE A 414 -28.37 -16.50 -4.73
CA ILE A 414 -27.40 -15.63 -5.37
C ILE A 414 -28.07 -14.33 -5.77
N GLU A 415 -27.39 -13.21 -5.52
CA GLU A 415 -27.96 -11.92 -5.89
C GLU A 415 -26.96 -10.96 -6.53
N VAL A 416 -27.38 -10.37 -7.64
CA VAL A 416 -26.60 -9.35 -8.33
C VAL A 416 -27.32 -8.04 -8.10
N PHE A 417 -26.55 -6.99 -7.85
CA PHE A 417 -27.09 -5.67 -7.58
C PHE A 417 -26.74 -4.73 -8.74
N SER A 418 -27.73 -4.43 -9.57
CA SER A 418 -27.46 -3.72 -10.81
C SER A 418 -27.82 -2.23 -10.75
N LEU A 419 -27.34 -1.50 -11.74
CA LEU A 419 -27.52 -0.06 -11.77
C LEU A 419 -27.44 0.43 -13.20
N GLU A 420 -28.46 1.15 -13.64
CA GLU A 420 -28.37 1.92 -14.87
C GLU A 420 -27.80 3.28 -14.52
N HIS A 421 -26.79 3.73 -15.26
CA HIS A 421 -26.20 5.04 -15.00
C HIS A 421 -25.60 5.57 -16.29
N ASN A 422 -26.00 6.79 -16.63
CA ASN A 422 -25.54 7.44 -17.85
C ASN A 422 -25.61 6.54 -19.08
N GLY A 423 -26.75 5.89 -19.26
CA GLY A 423 -26.99 5.07 -20.44
C GLY A 423 -26.19 3.78 -20.50
N ARG A 424 -25.68 3.34 -19.36
CA ARG A 424 -24.95 2.08 -19.28
C ARG A 424 -25.45 1.22 -18.13
N LEU A 425 -25.39 -0.10 -18.31
CA LEU A 425 -25.84 -1.03 -17.29
C LEU A 425 -24.66 -1.66 -16.54
N TYR A 426 -24.57 -1.41 -15.23
CA TYR A 426 -23.51 -1.97 -14.39
C TYR A 426 -24.04 -3.06 -13.46
N HIS A 427 -23.17 -3.99 -13.09
CA HIS A 427 -23.57 -5.10 -12.20
C HIS A 427 -22.62 -5.21 -11.01
N PHE A 428 -23.16 -5.29 -9.80
CA PHE A 428 -22.33 -5.37 -8.59
C PHE A 428 -22.60 -6.63 -7.75
N GLY A 429 -21.55 -7.13 -7.09
CA GLY A 429 -21.64 -8.39 -6.34
C GLY A 429 -22.21 -8.22 -4.94
N SER A 430 -22.52 -7.00 -4.54
CA SER A 430 -23.16 -6.76 -3.25
C SER A 430 -23.83 -5.40 -3.21
N GLU A 431 -24.69 -5.20 -2.21
CA GLU A 431 -25.31 -3.91 -1.94
C GLU A 431 -24.25 -2.84 -1.71
N VAL A 432 -23.20 -3.21 -0.98
CA VAL A 432 -22.17 -2.25 -0.61
C VAL A 432 -21.35 -1.82 -1.83
N ASP A 433 -21.05 -2.78 -2.69
CA ASP A 433 -20.27 -2.43 -3.88
C ASP A 433 -21.02 -1.43 -4.74
N ARG A 434 -22.33 -1.62 -4.89
CA ARG A 434 -23.15 -0.65 -5.61
C ARG A 434 -23.15 0.71 -4.91
N TRP A 435 -23.27 0.68 -3.58
CA TRP A 435 -23.20 1.89 -2.78
C TRP A 435 -21.88 2.63 -2.97
N VAL A 436 -20.77 1.89 -3.01
CA VAL A 436 -19.47 2.51 -3.22
C VAL A 436 -19.43 3.28 -4.55
N PHE A 437 -19.92 2.66 -5.61
CA PHE A 437 -20.02 3.31 -6.91
C PHE A 437 -20.82 4.60 -6.81
N GLN A 438 -21.96 4.52 -6.13
CA GLN A 438 -22.83 5.68 -6.03
C GLN A 438 -22.25 6.80 -5.17
N GLN A 439 -21.27 6.47 -4.32
CA GLN A 439 -20.63 7.51 -3.50
C GLN A 439 -19.75 8.44 -4.35
N ASP A 440 -19.26 7.96 -5.50
CA ASP A 440 -18.30 8.74 -6.29
C ASP A 440 -18.26 8.28 -7.75
N PRO A 441 -19.37 8.48 -8.48
CA PRO A 441 -19.46 7.93 -9.84
C PRO A 441 -18.35 8.41 -10.79
N VAL A 442 -17.88 9.64 -10.63
CA VAL A 442 -16.83 10.13 -11.53
C VAL A 442 -15.55 9.29 -11.42
N GLN A 443 -15.34 8.64 -10.27
CA GLN A 443 -14.18 7.77 -10.08
C GLN A 443 -14.26 6.50 -10.96
N TYR A 444 -15.47 6.03 -11.22
CA TYR A 444 -15.68 4.67 -11.75
C TYR A 444 -16.44 4.57 -13.07
N GLN A 445 -17.26 5.57 -13.38
CA GLN A 445 -18.31 5.38 -14.37
C GLN A 445 -17.84 4.92 -15.75
N ASN A 446 -16.67 5.38 -16.19
CA ASN A 446 -16.19 4.96 -17.50
C ASN A 446 -15.16 3.83 -17.45
N HIS A 447 -14.93 3.29 -16.27
CA HIS A 447 -14.12 2.08 -16.18
C HIS A 447 -14.87 0.89 -16.79
N MET A 448 -14.15 0.03 -17.52
N MET A 448 -14.12 0.03 -17.49
CA MET A 448 -14.71 -1.18 -18.08
CA MET A 448 -14.65 -1.17 -18.10
C MET A 448 -14.00 -2.38 -17.49
C MET A 448 -13.98 -2.38 -17.46
N ASN A 449 -14.77 -3.32 -16.94
CA ASN A 449 -14.15 -4.52 -16.39
C ASN A 449 -13.83 -5.49 -17.52
N ILE A 450 -13.18 -6.59 -17.19
CA ILE A 450 -12.64 -7.47 -18.24
C ILE A 450 -13.71 -8.03 -19.16
N VAL A 451 -14.88 -8.34 -18.60
CA VAL A 451 -16.00 -8.85 -19.39
C VAL A 451 -16.64 -7.74 -20.25
N ASP A 452 -16.75 -6.53 -19.72
CA ASP A 452 -17.16 -5.38 -20.52
C ASP A 452 -16.24 -5.22 -21.75
N ARG A 453 -14.94 -5.37 -21.53
CA ARG A 453 -13.96 -5.26 -22.62
C ARG A 453 -14.11 -6.39 -23.64
N PHE A 454 -14.34 -7.61 -23.14
CA PHE A 454 -14.56 -8.77 -24.01
C PHE A 454 -15.77 -8.52 -24.91
N LEU A 455 -16.84 -8.02 -24.31
CA LEU A 455 -18.08 -7.76 -25.05
C LEU A 455 -17.96 -6.55 -25.98
N ALA A 456 -17.04 -5.65 -25.68
CA ALA A 456 -16.84 -4.44 -26.48
C ALA A 456 -15.92 -4.70 -27.68
N GLY A 457 -15.32 -5.88 -27.73
CA GLY A 457 -14.47 -6.25 -28.85
C GLY A 457 -13.01 -5.92 -28.66
N GLN A 458 -12.63 -5.57 -27.43
CA GLN A 458 -11.24 -5.19 -27.14
C GLN A 458 -10.33 -6.41 -26.94
N ILE A 459 -10.93 -7.59 -26.81
CA ILE A 459 -10.15 -8.81 -26.61
C ILE A 459 -10.29 -9.73 -27.81
N GLN A 460 -9.21 -9.88 -28.56
CA GLN A 460 -9.23 -10.64 -29.81
C GLN A 460 -8.11 -11.67 -29.86
N PRO A 461 -8.44 -12.90 -30.28
CA PRO A 461 -9.82 -13.25 -30.64
C PRO A 461 -10.70 -13.47 -29.40
N MET A 462 -12.00 -13.60 -29.62
CA MET A 462 -12.93 -13.77 -28.51
C MET A 462 -13.05 -15.24 -28.12
N THR A 463 -11.99 -15.76 -27.50
CA THR A 463 -11.89 -17.16 -27.14
C THR A 463 -11.05 -17.23 -25.87
N LEU A 464 -10.95 -18.43 -25.30
CA LEU A 464 -10.15 -18.59 -24.08
C LEU A 464 -8.70 -18.21 -24.35
N GLU A 465 -8.17 -18.65 -25.49
CA GLU A 465 -6.79 -18.32 -25.87
C GLU A 465 -6.61 -16.81 -26.06
N GLY A 466 -7.53 -16.17 -26.74
CA GLY A 466 -7.49 -14.72 -26.92
C GLY A 466 -7.46 -13.98 -25.60
N ALA A 467 -8.27 -14.44 -24.66
CA ALA A 467 -8.34 -13.82 -23.33
C ALA A 467 -7.05 -14.06 -22.56
N LEU A 468 -6.51 -15.27 -22.64
CA LEU A 468 -5.30 -15.60 -21.91
C LEU A 468 -4.15 -14.76 -22.42
N LYS A 469 -4.09 -14.58 -23.74
CA LYS A 469 -3.09 -13.72 -24.34
C LYS A 469 -3.28 -12.27 -23.90
N TYR A 470 -4.52 -11.78 -23.98
CA TYR A 470 -4.83 -10.44 -23.49
C TYR A 470 -4.34 -10.23 -22.04
N MET A 471 -4.51 -11.25 -21.20
CA MET A 471 -4.14 -11.14 -19.79
C MET A 471 -2.63 -11.16 -19.55
N GLY A 472 -1.86 -11.44 -20.60
CA GLY A 472 -0.41 -11.32 -20.51
C GLY A 472 0.35 -12.61 -20.33
N PHE A 473 -0.34 -13.74 -20.43
CA PHE A 473 0.37 -15.02 -20.32
C PHE A 473 1.28 -15.21 -21.52
N GLN A 474 2.54 -15.55 -21.25
CA GLN A 474 3.54 -15.68 -22.30
C GLN A 474 3.98 -17.11 -22.56
N SER A 475 3.46 -18.06 -21.79
CA SER A 475 3.71 -19.47 -22.10
C SER A 475 2.75 -20.39 -21.38
N ILE A 476 2.67 -21.62 -21.87
CA ILE A 476 1.84 -22.64 -21.25
C ILE A 476 2.13 -22.75 -19.76
N GLU A 477 3.40 -22.75 -19.38
CA GLU A 477 3.78 -22.98 -17.98
C GLU A 477 3.27 -21.95 -16.99
N GLU A 478 3.03 -20.73 -17.47
CA GLU A 478 2.64 -19.63 -16.60
C GLU A 478 1.17 -19.72 -16.19
N MET A 479 0.36 -20.45 -16.95
CA MET A 479 -1.06 -20.53 -16.65
C MET A 479 -1.33 -21.50 -15.50
N GLY A 480 -2.30 -21.16 -14.65
CA GLY A 480 -2.60 -21.96 -13.47
C GLY A 480 -3.15 -23.35 -13.77
N LYS A 481 -2.77 -24.31 -12.93
CA LYS A 481 -3.28 -25.68 -13.03
C LYS A 481 -3.63 -26.11 -11.62
N ASP A 482 -4.30 -27.26 -11.46
CA ASP A 482 -4.50 -27.78 -10.11
C ASP A 482 -3.15 -27.99 -9.43
N ALA A 483 -3.01 -27.52 -8.19
CA ALA A 483 -1.74 -27.57 -7.48
C ALA A 483 -1.09 -28.95 -7.42
N HIS A 484 -1.90 -29.98 -7.25
CA HIS A 484 -1.36 -31.33 -7.13
C HIS A 484 -1.62 -32.18 -8.38
N ASP A 485 -1.87 -31.49 -9.50
N ASP A 485 -1.92 -31.50 -9.48
CA ASP A 485 -2.32 -32.14 -10.73
CA ASP A 485 -2.25 -32.19 -10.72
C ASP A 485 -3.31 -33.24 -10.44
C ASP A 485 -3.32 -33.26 -10.46
N PHE A 486 -4.30 -32.91 -9.62
CA PHE A 486 -5.42 -33.81 -9.32
C PHE A 486 -5.06 -35.06 -8.54
N ALA A 487 -3.89 -35.06 -7.90
CA ALA A 487 -3.48 -36.23 -7.13
C ALA A 487 -4.37 -36.36 -5.89
N TRP A 488 -5.05 -35.28 -5.53
CA TRP A 488 -5.94 -35.27 -4.37
C TRP A 488 -7.14 -36.21 -4.54
N ALA A 489 -7.48 -36.52 -5.79
CA ALA A 489 -8.59 -37.43 -6.06
C ALA A 489 -8.24 -38.84 -5.59
N ASP A 490 -6.94 -39.12 -5.48
CA ASP A 490 -6.48 -40.42 -5.00
C ASP A 490 -6.86 -40.64 -3.54
N LYS A 491 -7.32 -39.59 -2.89
CA LYS A 491 -7.76 -39.67 -1.51
C LYS A 491 -9.29 -39.71 -1.39
N CYS A 492 -9.96 -39.69 -2.54
CA CYS A 492 -11.44 -39.65 -2.57
C CYS A 492 -12.07 -41.01 -2.91
N SER B 2 -1.26 -20.76 -31.14
CA SER B 2 -1.13 -21.04 -29.72
C SER B 2 0.04 -20.29 -29.10
N PHE B 3 0.29 -20.53 -27.83
CA PHE B 3 1.45 -19.97 -27.14
C PHE B 3 2.66 -20.82 -27.49
N GLU B 4 3.83 -20.35 -27.09
CA GLU B 4 5.04 -21.15 -27.16
C GLU B 4 5.35 -21.67 -25.77
N SER B 5 6.12 -22.76 -25.70
N SER B 5 6.09 -22.78 -25.71
CA SER B 5 6.55 -23.27 -24.41
CA SER B 5 6.58 -23.29 -24.44
C SER B 5 7.97 -22.81 -24.13
C SER B 5 7.94 -22.68 -24.19
N LYS B 6 8.15 -22.11 -23.01
CA LYS B 6 9.40 -21.46 -22.69
C LYS B 6 9.97 -21.94 -21.37
N LYS B 7 11.28 -21.86 -21.23
CA LYS B 7 11.90 -22.28 -19.99
C LYS B 7 12.02 -21.10 -19.04
N PRO B 8 12.33 -21.39 -17.76
CA PRO B 8 12.52 -20.33 -16.76
C PRO B 8 13.59 -19.35 -17.21
N MET B 9 13.43 -18.10 -16.81
CA MET B 9 14.40 -17.05 -17.11
C MET B 9 15.23 -16.82 -15.85
N ARG B 10 16.49 -16.38 -16.02
CA ARG B 10 17.38 -16.22 -14.88
C ARG B 10 17.02 -14.99 -14.05
N THR B 11 16.18 -14.14 -14.61
CA THR B 11 15.79 -12.91 -13.94
C THR B 11 14.41 -12.49 -14.46
N TRP B 12 13.94 -11.29 -14.11
CA TRP B 12 12.64 -10.83 -14.62
C TRP B 12 12.63 -10.84 -16.16
N SER B 13 11.47 -11.13 -16.74
CA SER B 13 11.34 -11.11 -18.19
C SER B 13 11.85 -9.80 -18.81
N HIS B 14 11.64 -8.67 -18.14
CA HIS B 14 12.07 -7.39 -18.71
C HIS B 14 13.58 -7.15 -18.64
N LEU B 15 14.27 -7.94 -17.81
CA LEU B 15 15.74 -7.82 -17.70
C LEU B 15 16.46 -8.94 -18.43
N ALA B 16 15.69 -9.92 -18.89
CA ALA B 16 16.27 -11.16 -19.39
C ALA B 16 17.22 -10.96 -20.59
N GLU B 17 17.05 -9.84 -21.30
N GLU B 17 17.07 -9.84 -21.30
CA GLU B 17 17.90 -9.57 -22.46
CA GLU B 17 17.90 -9.57 -22.47
C GLU B 17 19.18 -8.79 -22.12
C GLU B 17 19.17 -8.79 -22.13
N MET B 18 19.36 -8.46 -20.85
CA MET B 18 20.59 -7.79 -20.40
C MET B 18 21.76 -8.69 -20.71
N ARG B 19 22.88 -8.10 -21.13
CA ARG B 19 24.12 -8.85 -21.24
C ARG B 19 24.56 -9.27 -19.85
N LYS B 20 24.70 -8.28 -18.96
CA LYS B 20 25.21 -8.50 -17.61
C LYS B 20 24.22 -9.24 -16.73
N LYS B 21 24.73 -9.90 -15.69
CA LYS B 21 23.88 -10.44 -14.63
C LYS B 21 23.22 -9.27 -13.91
N PRO B 22 21.90 -9.29 -13.80
CA PRO B 22 21.21 -8.18 -13.13
C PRO B 22 21.71 -7.94 -11.70
N SER B 23 21.87 -6.67 -11.35
CA SER B 23 22.29 -6.32 -9.99
C SER B 23 21.10 -6.24 -9.04
N GLU B 24 21.39 -6.16 -7.74
CA GLU B 24 20.35 -5.84 -6.76
C GLU B 24 19.52 -4.63 -7.19
N TYR B 25 20.21 -3.56 -7.58
CA TYR B 25 19.54 -2.35 -8.07
C TYR B 25 18.59 -2.63 -9.23
N ASP B 26 19.06 -3.36 -10.24
CA ASP B 26 18.23 -3.66 -11.41
C ASP B 26 16.99 -4.41 -10.99
N ILE B 27 17.18 -5.42 -10.15
CA ILE B 27 16.11 -6.33 -9.76
C ILE B 27 14.98 -5.63 -9.03
N VAL B 28 15.31 -4.73 -8.12
CA VAL B 28 14.31 -4.14 -7.23
C VAL B 28 13.87 -2.71 -7.61
N SER B 29 14.49 -2.11 -8.62
CA SER B 29 14.23 -0.69 -8.96
C SER B 29 13.54 -0.42 -10.29
N ARG B 30 13.68 -1.32 -11.25
CA ARG B 30 13.40 -0.98 -12.64
C ARG B 30 11.99 -1.32 -13.12
N LYS B 31 11.42 -0.36 -13.84
CA LYS B 31 10.13 -0.50 -14.51
C LYS B 31 9.03 -0.93 -13.56
N LEU B 32 8.79 -0.12 -12.54
CA LEU B 32 7.74 -0.43 -11.56
C LEU B 32 6.49 0.46 -11.65
N HIS B 33 6.56 1.55 -12.40
CA HIS B 33 5.37 2.39 -12.56
C HIS B 33 4.48 1.81 -13.65
N TYR B 34 3.47 1.04 -13.28
CA TYR B 34 2.52 0.49 -14.26
C TYR B 34 1.61 1.60 -14.76
N SER B 35 1.62 2.73 -14.04
CA SER B 35 0.77 3.88 -14.38
C SER B 35 1.14 4.53 -15.71
N THR B 36 2.30 4.17 -16.27
CA THR B 36 2.73 4.70 -17.56
C THR B 36 2.34 3.80 -18.73
N ASN B 37 1.75 2.65 -18.44
CA ASN B 37 1.48 1.65 -19.48
C ASN B 37 0.35 2.05 -20.44
N ASN B 38 -0.71 2.63 -19.89
CA ASN B 38 -1.89 2.97 -20.66
C ASN B 38 -2.04 4.49 -20.71
N PRO B 39 -1.73 5.10 -21.87
CA PRO B 39 -1.72 6.56 -21.95
C PRO B 39 -3.08 7.18 -21.67
N ASP B 40 -4.15 6.48 -22.03
N ASP B 40 -4.15 6.46 -22.03
CA ASP B 40 -5.50 7.00 -21.82
CA ASP B 40 -5.51 6.95 -21.86
C ASP B 40 -5.94 6.86 -20.36
C ASP B 40 -6.03 6.75 -20.44
N SER B 41 -5.41 5.85 -19.68
CA SER B 41 -5.81 5.56 -18.31
CA SER B 41 -5.81 5.61 -18.31
C SER B 41 -4.61 5.20 -17.45
N PRO B 42 -3.84 6.19 -16.99
CA PRO B 42 -2.71 5.89 -16.09
C PRO B 42 -3.14 4.93 -14.99
N TRP B 43 -4.22 5.27 -14.29
CA TRP B 43 -4.68 4.46 -13.16
C TRP B 43 -5.91 3.64 -13.53
N GLU B 44 -6.06 2.51 -12.85
CA GLU B 44 -7.10 1.53 -13.19
C GLU B 44 -8.47 1.98 -12.69
N LEU B 45 -8.95 3.09 -13.24
CA LEU B 45 -10.22 3.69 -12.84
C LEU B 45 -10.92 4.23 -14.06
N SER B 46 -11.93 5.05 -13.86
CA SER B 46 -12.50 5.77 -14.99
C SER B 46 -11.38 6.58 -15.66
N PRO B 47 -11.28 6.49 -17.00
CA PRO B 47 -10.20 7.23 -17.69
C PRO B 47 -10.21 8.73 -17.42
N ASP B 48 -11.37 9.30 -17.07
N ASP B 48 -11.37 9.29 -17.08
CA ASP B 48 -11.43 10.73 -16.75
CA ASP B 48 -11.44 10.72 -16.75
C ASP B 48 -11.62 11.02 -15.26
C ASP B 48 -11.66 11.01 -15.26
N SER B 49 -11.25 10.08 -14.39
CA SER B 49 -11.27 10.34 -12.96
C SER B 49 -10.32 11.49 -12.68
N PRO B 50 -10.51 12.22 -11.57
CA PRO B 50 -9.68 13.39 -11.28
C PRO B 50 -8.17 13.10 -11.30
N MET B 51 -7.72 12.01 -10.68
CA MET B 51 -6.28 11.74 -10.70
C MET B 51 -5.79 11.29 -12.08
N ASN B 52 -6.65 10.64 -12.85
CA ASN B 52 -6.27 10.29 -14.21
C ASN B 52 -6.10 11.55 -15.05
N LEU B 53 -6.99 12.52 -14.86
CA LEU B 53 -6.85 13.80 -15.56
C LEU B 53 -5.59 14.54 -15.13
N TRP B 54 -5.30 14.53 -13.84
CA TRP B 54 -4.08 15.16 -13.30
C TRP B 54 -2.83 14.59 -13.95
N TYR B 55 -2.70 13.25 -13.95
CA TYR B 55 -1.52 12.60 -14.53
C TYR B 55 -1.43 12.77 -16.04
N LYS B 56 -2.56 12.72 -16.74
CA LYS B 56 -2.49 12.93 -18.18
C LYS B 56 -1.97 14.34 -18.50
N GLN B 57 -2.31 15.32 -17.66
CA GLN B 57 -1.86 16.69 -17.89
C GLN B 57 -0.44 16.96 -17.37
N TYR B 58 -0.15 16.55 -16.14
CA TYR B 58 1.10 16.94 -15.48
C TYR B 58 2.25 15.95 -15.65
N ARG B 59 1.96 14.73 -16.07
CA ARG B 59 3.02 13.82 -16.45
C ARG B 59 3.06 13.59 -17.96
N ASN B 60 2.04 12.90 -18.48
CA ASN B 60 2.04 12.46 -19.86
C ASN B 60 2.23 13.59 -20.87
N ALA B 61 1.63 14.75 -20.59
CA ALA B 61 1.66 15.88 -21.53
C ALA B 61 2.84 16.84 -21.31
N SER B 62 3.80 16.47 -20.47
CA SER B 62 4.96 17.33 -20.24
C SER B 62 5.71 17.59 -21.54
N PRO B 63 6.17 18.82 -21.75
CA PRO B 63 7.01 19.08 -22.93
C PRO B 63 8.38 18.37 -22.86
N LEU B 64 8.80 17.96 -21.66
CA LEU B 64 9.98 17.14 -21.50
C LEU B 64 9.63 15.71 -21.87
N LYS B 65 10.16 15.24 -22.99
CA LYS B 65 9.72 13.98 -23.59
C LYS B 65 10.87 13.01 -23.86
N HIS B 66 10.64 11.73 -23.61
CA HIS B 66 11.61 10.69 -23.92
C HIS B 66 10.83 9.40 -24.12
N ASP B 67 11.26 8.57 -25.06
CA ASP B 67 10.54 7.34 -25.38
C ASP B 67 10.83 6.21 -24.40
N ASN B 68 11.83 6.40 -23.56
CA ASN B 68 12.20 5.36 -22.62
C ASN B 68 12.77 5.91 -21.32
N TRP B 69 11.93 6.61 -20.56
CA TRP B 69 12.34 7.17 -19.28
C TRP B 69 12.80 6.06 -18.35
N ASP B 70 12.20 4.88 -18.52
CA ASP B 70 12.52 3.74 -17.65
C ASP B 70 13.98 3.33 -17.68
N ALA B 71 14.65 3.62 -18.79
CA ALA B 71 16.05 3.26 -18.93
C ALA B 71 16.97 4.10 -18.06
N PHE B 72 16.44 5.17 -17.45
CA PHE B 72 17.25 5.97 -16.55
C PHE B 72 17.88 5.12 -15.45
N THR B 73 19.10 5.46 -15.07
CA THR B 73 19.82 4.75 -14.02
C THR B 73 20.42 5.73 -13.02
N ASP B 74 20.07 5.56 -11.74
CA ASP B 74 20.76 6.26 -10.68
C ASP B 74 22.25 5.91 -10.78
N PRO B 75 23.11 6.91 -11.06
CA PRO B 75 24.55 6.64 -11.18
C PRO B 75 25.12 6.01 -9.92
N ASP B 76 24.45 6.21 -8.78
CA ASP B 76 24.90 5.63 -7.52
C ASP B 76 24.26 4.26 -7.31
N GLN B 77 23.23 3.97 -8.08
CA GLN B 77 22.53 2.70 -8.01
C GLN B 77 22.13 2.35 -6.58
N LEU B 78 21.63 3.35 -5.87
CA LEU B 78 21.22 3.16 -4.47
C LEU B 78 19.90 2.43 -4.38
N VAL B 79 19.81 1.51 -3.43
CA VAL B 79 18.53 0.88 -3.09
C VAL B 79 18.25 1.21 -1.61
N TYR B 80 17.06 0.88 -1.15
CA TYR B 80 16.69 1.19 0.25
C TYR B 80 17.76 0.68 1.21
N ARG B 81 18.16 -0.58 1.05
CA ARG B 81 19.13 -1.23 1.94
C ARG B 81 20.47 -0.49 1.98
N THR B 82 21.00 -0.15 0.82
CA THR B 82 22.31 0.49 0.79
C THR B 82 22.24 1.97 1.17
N TYR B 83 21.11 2.63 0.90
CA TYR B 83 20.92 3.99 1.40
C TYR B 83 21.01 4.02 2.93
N ASN B 84 20.29 3.13 3.60
CA ASN B 84 20.34 3.08 5.06
C ASN B 84 21.75 2.77 5.62
N LEU B 85 22.48 1.86 4.98
CA LEU B 85 23.87 1.63 5.40
C LEU B 85 24.70 2.91 5.32
N MET B 86 24.63 3.57 4.16
CA MET B 86 25.38 4.79 3.95
C MET B 86 24.99 5.90 4.92
N GLN B 87 23.68 6.15 5.04
CA GLN B 87 23.21 7.23 5.89
C GLN B 87 23.30 6.92 7.39
N ASP B 88 23.18 5.66 7.78
CA ASP B 88 23.47 5.34 9.18
C ASP B 88 24.93 5.69 9.48
N GLY B 89 25.82 5.42 8.55
CA GLY B 89 27.21 5.81 8.66
C GLY B 89 27.40 7.31 8.82
N GLN B 90 26.87 8.08 7.87
CA GLN B 90 26.98 9.54 7.92
C GLN B 90 26.26 10.14 9.13
N GLU B 91 25.10 9.60 9.45
CA GLU B 91 24.31 10.18 10.53
C GLU B 91 24.87 9.83 11.90
N SER B 92 25.39 8.62 12.06
N SER B 92 25.37 8.61 12.05
CA SER B 92 26.02 8.27 13.31
CA SER B 92 26.04 8.23 13.27
C SER B 92 27.26 9.14 13.52
C SER B 92 27.19 9.21 13.50
N TYR B 93 27.93 9.48 12.42
CA TYR B 93 29.06 10.39 12.47
C TYR B 93 28.63 11.78 12.94
N VAL B 94 27.57 12.31 12.35
CA VAL B 94 27.05 13.62 12.76
C VAL B 94 26.54 13.63 14.20
N GLN B 95 25.84 12.58 14.60
CA GLN B 95 25.37 12.53 15.99
C GLN B 95 26.55 12.44 16.95
N SER B 96 27.63 11.79 16.52
CA SER B 96 28.84 11.69 17.33
C SER B 96 29.52 13.06 17.48
N LEU B 97 29.54 13.82 16.39
CA LEU B 97 30.01 15.20 16.44
C LEU B 97 29.17 16.00 17.44
N PHE B 98 27.85 15.91 17.33
CA PHE B 98 26.97 16.64 18.26
C PHE B 98 27.32 16.34 19.72
N ASP B 99 27.47 15.05 20.03
CA ASP B 99 27.76 14.59 21.38
C ASP B 99 29.08 15.17 21.87
N GLN B 100 30.11 15.05 21.04
CA GLN B 100 31.46 15.44 21.40
C GLN B 100 31.64 16.95 21.53
N PHE B 101 31.00 17.70 20.63
CA PHE B 101 31.11 19.14 20.69
C PHE B 101 30.32 19.70 21.87
N ASN B 102 29.20 19.05 22.18
CA ASN B 102 28.42 19.44 23.35
C ASN B 102 29.21 19.16 24.65
N GLU B 103 29.91 18.03 24.68
CA GLU B 103 30.77 17.69 25.82
C GLU B 103 31.83 18.76 26.01
N ARG B 104 32.38 19.25 24.90
N ARG B 104 32.38 19.25 24.90
CA ARG B 104 33.43 20.25 24.97
CA ARG B 104 33.43 20.25 24.97
C ARG B 104 32.88 21.67 25.06
C ARG B 104 32.87 21.68 25.08
N GLU B 105 31.55 21.77 25.22
CA GLU B 105 30.89 23.07 25.38
C GLU B 105 31.22 24.04 24.24
N HIS B 106 31.19 23.52 23.03
CA HIS B 106 31.49 24.29 21.82
C HIS B 106 30.68 25.59 21.72
N ASP B 107 29.39 25.52 22.02
CA ASP B 107 28.52 26.67 21.81
C ASP B 107 28.88 27.87 22.68
N GLN B 108 29.46 27.61 23.85
CA GLN B 108 29.83 28.69 24.75
C GLN B 108 31.01 29.50 24.25
N MET B 109 31.74 28.97 23.28
N MET B 109 31.74 28.96 23.28
CA MET B 109 32.98 29.59 22.83
CA MET B 109 32.98 29.57 22.82
C MET B 109 32.88 30.25 21.45
C MET B 109 32.86 30.34 21.50
N VAL B 110 31.68 30.32 20.89
CA VAL B 110 31.47 31.03 19.64
C VAL B 110 31.62 32.54 19.84
N ARG B 111 31.93 33.25 18.77
CA ARG B 111 32.14 34.68 18.84
C ARG B 111 30.90 35.39 19.38
N GLU B 112 31.15 36.45 20.16
CA GLU B 112 30.09 37.32 20.66
C GLU B 112 29.05 37.63 19.58
N GLY B 113 27.78 37.38 19.88
CA GLY B 113 26.71 37.74 18.96
C GLY B 113 26.35 36.70 17.91
N TRP B 114 27.16 35.66 17.78
CA TRP B 114 26.92 34.62 16.78
C TRP B 114 25.57 33.91 16.98
N GLU B 115 25.11 33.84 18.23
CA GLU B 115 23.82 33.22 18.51
C GLU B 115 22.69 33.96 17.79
N HIS B 116 22.85 35.26 17.59
CA HIS B 116 21.82 36.05 16.95
C HIS B 116 21.83 35.84 15.45
N THR B 117 23.03 35.68 14.89
CA THR B 117 23.16 35.35 13.49
C THR B 117 22.53 33.98 13.18
N MET B 118 22.77 33.01 14.05
CA MET B 118 22.14 31.69 13.92
C MET B 118 20.61 31.74 14.04
N ALA B 119 20.12 32.47 15.03
CA ALA B 119 18.67 32.62 15.20
C ALA B 119 18.01 33.19 13.95
N ARG B 120 18.66 34.15 13.30
CA ARG B 120 18.09 34.84 12.16
C ARG B 120 18.32 34.13 10.83
N CYS B 121 19.52 33.58 10.66
CA CYS B 121 19.94 33.06 9.36
C CYS B 121 20.03 31.53 9.29
N TYR B 122 20.01 30.87 10.44
CA TYR B 122 20.19 29.41 10.44
C TYR B 122 18.92 28.68 10.82
N SER B 123 18.38 28.98 11.99
CA SER B 123 17.27 28.19 12.50
C SER B 123 16.04 28.20 11.58
N PRO B 124 15.78 29.32 10.89
CA PRO B 124 14.59 29.25 10.01
C PRO B 124 14.82 28.39 8.76
N LEU B 125 16.03 27.85 8.57
CA LEU B 125 16.26 26.91 7.48
C LEU B 125 15.32 25.71 7.52
N ARG B 126 14.76 25.41 8.70
CA ARG B 126 13.86 24.27 8.79
C ARG B 126 12.68 24.44 7.82
N TYR B 127 12.25 25.69 7.61
CA TYR B 127 11.17 25.96 6.65
C TYR B 127 11.63 25.69 5.22
N LEU B 128 12.80 26.21 4.87
CA LEU B 128 13.34 26.00 3.53
C LEU B 128 13.53 24.51 3.28
N PHE B 129 14.15 23.81 4.23
CA PHE B 129 14.40 22.38 4.04
C PHE B 129 13.10 21.59 3.95
N HIS B 130 12.07 21.97 4.73
CA HIS B 130 10.78 21.27 4.60
C HIS B 130 10.17 21.50 3.23
N CYS B 131 10.34 22.70 2.69
CA CYS B 131 9.86 22.96 1.34
C CYS B 131 10.55 22.03 0.35
N LEU B 132 11.86 21.83 0.53
CA LEU B 132 12.59 20.91 -0.36
C LEU B 132 12.06 19.49 -0.21
N GLN B 133 11.73 19.12 1.03
CA GLN B 133 11.13 17.82 1.34
C GLN B 133 9.80 17.65 0.59
N MET B 134 8.90 18.62 0.74
CA MET B 134 7.60 18.56 0.07
C MET B 134 7.77 18.49 -1.44
N SER B 135 8.68 19.30 -1.96
CA SER B 135 8.85 19.40 -3.41
C SER B 135 9.45 18.10 -3.94
N SER B 136 10.40 17.54 -3.19
CA SER B 136 10.99 16.27 -3.60
C SER B 136 9.94 15.18 -3.68
N ALA B 137 9.01 15.17 -2.72
CA ALA B 137 7.95 14.17 -2.70
C ALA B 137 7.07 14.35 -3.92
N TYR B 138 6.86 15.60 -4.34
CA TYR B 138 6.04 15.81 -5.53
C TYR B 138 6.70 15.24 -6.80
N VAL B 139 7.99 15.50 -6.98
CA VAL B 139 8.66 14.93 -8.14
C VAL B 139 8.58 13.40 -8.07
N GLN B 140 8.74 12.84 -6.87
CA GLN B 140 8.57 11.40 -6.68
C GLN B 140 7.27 10.89 -7.29
N GLN B 141 6.15 11.49 -6.90
CA GLN B 141 4.87 10.92 -7.27
C GLN B 141 4.51 11.13 -8.75
N MET B 142 5.17 12.10 -9.38
CA MET B 142 4.85 12.47 -10.76
C MET B 142 5.84 11.92 -11.81
N ALA B 143 7.04 11.54 -11.39
CA ALA B 143 8.07 11.15 -12.38
C ALA B 143 7.64 9.92 -13.19
N PRO B 144 8.03 9.86 -14.47
CA PRO B 144 7.55 8.79 -15.35
C PRO B 144 8.38 7.49 -15.36
N ALA B 145 9.31 7.33 -14.41
CA ALA B 145 10.05 6.07 -14.27
C ALA B 145 10.32 5.79 -12.80
N SER B 146 10.26 4.52 -12.40
CA SER B 146 10.53 4.20 -10.99
C SER B 146 11.97 4.53 -10.59
N THR B 147 12.90 4.37 -11.53
CA THR B 147 14.30 4.69 -11.20
C THR B 147 14.47 6.17 -10.89
N ILE B 148 13.71 7.03 -11.58
CA ILE B 148 13.71 8.45 -11.24
C ILE B 148 13.05 8.69 -9.88
N SER B 149 11.86 8.12 -9.69
CA SER B 149 11.14 8.32 -8.45
C SER B 149 11.96 7.87 -7.23
N ASN B 150 12.68 6.76 -7.37
CA ASN B 150 13.50 6.27 -6.26
C ASN B 150 14.54 7.31 -5.81
N CYS B 151 15.22 7.93 -6.77
CA CYS B 151 16.13 9.02 -6.42
C CYS B 151 15.41 10.12 -5.66
N CYS B 152 14.17 10.40 -6.03
CA CYS B 152 13.38 11.43 -5.35
C CYS B 152 12.97 11.01 -3.95
N ILE B 153 12.69 9.73 -3.76
CA ILE B 153 12.33 9.26 -2.42
C ILE B 153 13.49 9.49 -1.47
N LEU B 154 14.67 9.07 -1.88
CA LEU B 154 15.85 9.21 -1.05
C LEU B 154 16.17 10.69 -0.81
N GLN B 155 15.94 11.53 -1.81
CA GLN B 155 16.14 12.96 -1.68
C GLN B 155 15.12 13.60 -0.72
N THR B 156 13.89 13.09 -0.73
CA THR B 156 12.87 13.56 0.22
C THR B 156 13.37 13.24 1.64
N ALA B 157 13.84 12.01 1.84
CA ALA B 157 14.39 11.62 3.13
C ALA B 157 15.59 12.48 3.53
N ASP B 158 16.50 12.76 2.58
CA ASP B 158 17.65 13.61 2.89
C ASP B 158 17.21 15.01 3.29
N SER B 159 16.13 15.50 2.70
CA SER B 159 15.63 16.83 3.03
C SER B 159 15.14 16.84 4.48
N LEU B 160 14.51 15.76 4.90
CA LEU B 160 14.05 15.65 6.28
C LEU B 160 15.24 15.49 7.22
N ARG B 161 16.28 14.80 6.75
CA ARG B 161 17.52 14.72 7.52
C ARG B 161 18.03 16.11 7.85
N TRP B 162 18.11 17.00 6.84
CA TRP B 162 18.61 18.35 7.05
C TRP B 162 17.71 19.15 7.99
N LEU B 163 16.40 19.03 7.77
N LEU B 163 16.40 19.04 7.78
CA LEU B 163 15.42 19.66 8.64
CA LEU B 163 15.44 19.69 8.66
C LEU B 163 15.65 19.26 10.09
C LEU B 163 15.72 19.27 10.11
N THR B 164 15.88 17.97 10.30
CA THR B 164 16.06 17.41 11.64
C THR B 164 17.36 17.89 12.27
N HIS B 165 18.43 17.96 11.49
CA HIS B 165 19.69 18.53 11.98
C HIS B 165 19.41 19.92 12.54
N THR B 166 18.68 20.70 11.75
CA THR B 166 18.44 22.09 12.07
C THR B 166 17.58 22.23 13.35
N ALA B 167 16.55 21.40 13.43
CA ALA B 167 15.72 21.36 14.63
C ALA B 167 16.53 21.03 15.89
N TYR B 168 17.36 20.00 15.80
CA TYR B 168 18.15 19.57 16.96
C TYR B 168 19.10 20.67 17.41
N ARG B 169 19.79 21.31 16.47
CA ARG B 169 20.80 22.31 16.80
C ARG B 169 20.16 23.63 17.25
N THR B 170 18.99 23.93 16.70
CA THR B 170 18.24 25.11 17.16
C THR B 170 17.90 24.95 18.64
N HIS B 171 17.37 23.79 18.99
CA HIS B 171 17.08 23.53 20.40
C HIS B 171 18.35 23.53 21.24
N GLU B 172 19.39 22.84 20.77
CA GLU B 172 20.62 22.75 21.55
C GLU B 172 21.24 24.14 21.77
N LEU B 173 21.30 24.93 20.71
CA LEU B 173 21.86 26.27 20.84
C LEU B 173 21.07 27.09 21.87
N SER B 174 19.76 26.87 21.91
CA SER B 174 18.90 27.63 22.83
C SER B 174 19.23 27.34 24.30
N LEU B 175 19.87 26.22 24.55
CA LEU B 175 20.22 25.85 25.93
C LEU B 175 21.31 26.76 26.48
N THR B 176 22.23 27.17 25.61
CA THR B 176 23.32 28.08 25.98
C THR B 176 22.87 29.53 25.79
N TYR B 177 22.01 29.76 24.79
CA TYR B 177 21.55 31.10 24.50
C TYR B 177 20.02 31.16 24.52
N PRO B 178 19.44 31.27 25.72
CA PRO B 178 17.98 31.19 25.85
C PRO B 178 17.25 32.50 25.55
N ASP B 179 17.99 33.57 25.29
CA ASP B 179 17.36 34.87 25.07
C ASP B 179 17.56 35.40 23.66
N ALA B 180 17.60 34.50 22.67
CA ALA B 180 17.83 34.89 21.29
C ALA B 180 16.65 34.53 20.37
N GLY B 181 15.60 33.97 20.95
CA GLY B 181 14.42 33.57 20.19
C GLY B 181 14.59 32.26 19.43
N LEU B 182 15.65 31.53 19.77
CA LEU B 182 15.93 30.24 19.15
C LEU B 182 14.82 29.24 19.47
N GLY B 183 14.13 28.74 18.44
CA GLY B 183 13.07 27.78 18.62
C GLY B 183 11.74 28.46 18.89
N GLU B 184 11.72 29.79 18.83
CA GLU B 184 10.53 30.58 19.16
C GLU B 184 10.04 31.47 18.02
N HIS B 185 10.98 32.07 17.29
N HIS B 185 10.98 32.03 17.27
CA HIS B 185 10.62 33.12 16.35
CA HIS B 185 10.68 33.14 16.35
C HIS B 185 10.87 32.77 14.88
C HIS B 185 10.77 32.75 14.87
N GLU B 186 11.14 31.50 14.58
CA GLU B 186 11.46 31.13 13.20
C GLU B 186 10.33 31.32 12.18
N ARG B 187 9.09 31.02 12.56
CA ARG B 187 7.97 31.21 11.63
C ARG B 187 7.81 32.69 11.25
N GLU B 188 7.91 33.56 12.24
CA GLU B 188 7.84 35.02 12.01
C GLU B 188 8.93 35.46 11.05
N LEU B 189 10.15 34.95 11.25
CA LEU B 189 11.28 35.30 10.37
C LEU B 189 11.03 34.81 8.94
N TRP B 190 10.61 33.56 8.83
CA TRP B 190 10.29 32.98 7.53
C TRP B 190 9.23 33.81 6.84
N GLU B 191 8.22 34.24 7.60
CA GLU B 191 7.09 34.98 7.05
C GLU B 191 7.37 36.45 6.81
N LYS B 192 8.21 37.05 7.64
CA LYS B 192 8.28 38.52 7.64
C LYS B 192 9.66 39.13 7.36
N GLU B 193 10.73 38.44 7.73
CA GLU B 193 12.09 38.96 7.54
C GLU B 193 12.45 39.07 6.05
N PRO B 194 12.90 40.25 5.62
CA PRO B 194 13.22 40.46 4.20
C PRO B 194 14.20 39.43 3.63
N GLY B 195 15.25 39.10 4.36
CA GLY B 195 16.24 38.13 3.89
C GLY B 195 15.66 36.75 3.58
N TRP B 196 14.49 36.43 4.13
CA TRP B 196 13.84 35.15 3.87
C TRP B 196 12.79 35.19 2.77
N GLN B 197 12.41 36.40 2.35
CA GLN B 197 11.25 36.54 1.47
C GLN B 197 11.50 36.12 0.03
N GLY B 198 12.73 36.26 -0.43
CA GLY B 198 13.08 35.77 -1.75
C GLY B 198 12.99 34.26 -1.78
N LEU B 199 13.54 33.63 -0.75
CA LEU B 199 13.48 32.18 -0.64
C LEU B 199 12.04 31.69 -0.52
N ARG B 200 11.25 32.36 0.31
CA ARG B 200 9.87 31.95 0.51
C ARG B 200 9.05 32.10 -0.77
N GLU B 201 9.26 33.21 -1.48
CA GLU B 201 8.53 33.42 -2.72
C GLU B 201 8.93 32.37 -3.74
N LEU B 202 10.22 32.09 -3.80
CA LEU B 202 10.74 31.08 -4.70
C LEU B 202 10.08 29.72 -4.44
N MET B 203 10.00 29.32 -3.17
CA MET B 203 9.50 27.99 -2.86
C MET B 203 7.98 27.86 -3.01
N GLU B 204 7.24 28.91 -2.63
CA GLU B 204 5.78 28.85 -2.78
C GLU B 204 5.40 28.70 -4.24
N LYS B 205 6.10 29.44 -5.11
CA LYS B 205 5.87 29.31 -6.54
C LYS B 205 6.37 27.97 -7.08
N GLN B 206 7.56 27.55 -6.65
CA GLN B 206 8.07 26.27 -7.13
C GLN B 206 7.12 25.13 -6.78
N LEU B 207 6.52 25.17 -5.58
CA LEU B 207 5.61 24.11 -5.13
C LEU B 207 4.31 24.10 -5.93
N THR B 208 4.11 25.11 -6.76
CA THR B 208 2.91 25.13 -7.59
C THR B 208 3.24 24.95 -9.07
N ALA B 209 4.46 24.53 -9.38
CA ALA B 209 4.78 24.09 -10.73
C ALA B 209 4.49 22.60 -10.80
N PHE B 210 3.33 22.24 -11.35
CA PHE B 210 2.83 20.87 -11.25
C PHE B 210 3.28 19.91 -12.37
N ASP B 211 3.74 20.43 -13.50
CA ASP B 211 4.31 19.57 -14.54
C ASP B 211 5.55 18.86 -14.01
N TRP B 212 5.65 17.55 -14.22
CA TRP B 212 6.73 16.80 -13.56
C TRP B 212 8.08 17.29 -14.02
N GLY B 213 8.16 17.65 -15.29
CA GLY B 213 9.42 18.05 -15.89
C GLY B 213 9.85 19.39 -15.33
N GLU B 214 8.91 20.33 -15.27
CA GLU B 214 9.23 21.64 -14.74
C GLU B 214 9.54 21.55 -13.24
N ALA B 215 8.81 20.69 -12.53
CA ALA B 215 9.06 20.54 -11.10
C ALA B 215 10.50 20.09 -10.89
N PHE B 216 10.90 19.07 -11.63
CA PHE B 216 12.26 18.55 -11.55
C PHE B 216 13.33 19.58 -11.87
N VAL B 217 13.18 20.27 -13.00
CA VAL B 217 14.20 21.25 -13.41
C VAL B 217 14.30 22.39 -12.40
N SER B 218 13.15 22.96 -12.01
CA SER B 218 13.17 24.05 -11.06
C SER B 218 13.77 23.64 -9.72
N LEU B 219 13.34 22.49 -9.20
CA LEU B 219 13.87 22.00 -7.92
C LEU B 219 15.35 21.64 -7.97
N ASN B 220 15.70 20.73 -8.88
CA ASN B 220 17.00 20.09 -8.81
C ASN B 220 18.11 20.78 -9.59
N LEU B 221 17.74 21.52 -10.64
CA LEU B 221 18.74 22.21 -11.47
C LEU B 221 18.86 23.69 -11.13
N VAL B 222 17.85 24.26 -10.47
CA VAL B 222 17.86 25.68 -10.15
C VAL B 222 17.89 26.00 -8.66
N VAL B 223 16.85 25.60 -7.94
CA VAL B 223 16.78 25.88 -6.50
C VAL B 223 17.92 25.23 -5.71
N LYS B 224 18.06 23.92 -5.84
CA LYS B 224 19.01 23.21 -4.97
C LYS B 224 20.49 23.60 -5.17
N PRO B 225 20.93 23.80 -6.42
CA PRO B 225 22.30 24.29 -6.60
C PRO B 225 22.50 25.70 -6.01
N MET B 226 21.48 26.54 -6.10
CA MET B 226 21.53 27.86 -5.47
C MET B 226 21.76 27.74 -3.97
N ILE B 227 20.97 26.88 -3.32
CA ILE B 227 21.14 26.67 -1.88
C ILE B 227 22.58 26.27 -1.54
N VAL B 228 23.19 25.43 -2.36
CA VAL B 228 24.56 25.03 -2.09
C VAL B 228 25.51 26.21 -2.13
N GLU B 229 25.42 27.01 -3.20
CA GLU B 229 26.41 28.06 -3.40
C GLU B 229 26.13 29.34 -2.61
N SER B 230 24.86 29.59 -2.31
CA SER B 230 24.46 30.86 -1.71
C SER B 230 24.02 30.76 -0.26
N ILE B 231 23.78 29.53 0.21
CA ILE B 231 23.40 29.34 1.62
C ILE B 231 24.43 28.47 2.35
N PHE B 232 24.60 27.23 1.91
CA PHE B 232 25.47 26.27 2.59
C PHE B 232 26.92 26.77 2.73
N LYS B 233 27.52 27.20 1.63
CA LYS B 233 28.92 27.58 1.68
C LYS B 233 29.20 28.91 2.40
N PRO B 234 28.35 29.93 2.16
CA PRO B 234 28.56 31.16 2.94
C PRO B 234 28.39 30.96 4.45
N LEU B 235 27.40 30.16 4.85
CA LEU B 235 27.26 29.81 6.26
C LEU B 235 28.55 29.19 6.83
N GLN B 236 29.18 28.30 6.06
CA GLN B 236 30.49 27.75 6.46
C GLN B 236 31.55 28.84 6.64
N GLN B 237 31.58 29.83 5.75
CA GLN B 237 32.55 30.90 5.85
C GLN B 237 32.28 31.77 7.08
N GLN B 238 31.00 32.07 7.32
CA GLN B 238 30.63 32.89 8.45
C GLN B 238 30.96 32.18 9.75
N ALA B 239 30.64 30.89 9.81
CA ALA B 239 30.93 30.11 11.00
C ALA B 239 32.42 30.16 11.31
N TRP B 240 33.24 30.04 10.27
CA TRP B 240 34.70 30.08 10.44
C TRP B 240 35.13 31.42 11.04
N GLU B 241 34.52 32.50 10.59
CA GLU B 241 34.86 33.83 11.10
C GLU B 241 34.38 34.03 12.53
N ASN B 242 33.42 33.21 12.95
CA ASN B 242 32.86 33.33 14.30
C ASN B 242 33.16 32.18 15.26
N ASN B 243 34.24 31.45 14.99
CA ASN B 243 34.66 30.33 15.84
C ASN B 243 33.56 29.29 16.11
N ASP B 244 32.70 29.06 15.12
CA ASP B 244 31.80 27.93 15.15
C ASP B 244 32.46 26.84 14.31
N THR B 245 33.03 25.84 14.97
CA THR B 245 33.73 24.78 14.24
C THR B 245 32.84 23.57 13.97
N LEU B 246 31.69 23.51 14.62
CA LEU B 246 30.75 22.42 14.39
C LEU B 246 29.98 22.60 13.09
N LEU B 247 29.52 23.82 12.84
CA LEU B 247 28.65 24.07 11.68
C LEU B 247 29.31 23.68 10.35
N PRO B 248 30.61 24.01 10.17
CA PRO B 248 31.23 23.62 8.89
C PRO B 248 31.27 22.09 8.70
N LEU B 249 31.53 21.35 9.77
CA LEU B 249 31.54 19.89 9.67
C LEU B 249 30.13 19.35 9.35
N LEU B 250 29.14 19.90 10.02
CA LEU B 250 27.75 19.50 9.78
C LEU B 250 27.38 19.75 8.33
N ILE B 251 27.65 20.96 7.87
CA ILE B 251 27.28 21.33 6.51
C ILE B 251 28.02 20.47 5.49
N ASP B 252 29.26 20.09 5.80
CA ASP B 252 30.00 19.21 4.88
C ASP B 252 29.28 17.87 4.71
N SER B 253 28.67 17.37 5.78
CA SER B 253 27.93 16.13 5.67
C SER B 253 26.65 16.35 4.85
N GLN B 254 25.99 17.48 5.07
CA GLN B 254 24.81 17.82 4.28
C GLN B 254 25.18 18.02 2.81
N LEU B 255 26.36 18.58 2.56
CA LEU B 255 26.78 18.82 1.18
C LEU B 255 27.02 17.51 0.42
N LYS B 256 27.41 16.46 1.14
CA LYS B 256 27.56 15.14 0.53
CA LYS B 256 27.57 15.15 0.52
C LYS B 256 26.23 14.69 -0.07
N ASP B 257 25.15 14.89 0.69
CA ASP B 257 23.80 14.61 0.19
C ASP B 257 23.49 15.50 -1.00
N ALA B 258 23.77 16.79 -0.86
CA ALA B 258 23.47 17.75 -1.94
C ALA B 258 24.20 17.41 -3.23
N GLU B 259 25.45 16.96 -3.13
N GLU B 259 25.45 16.98 -3.10
CA GLU B 259 26.16 16.59 -4.35
CA GLU B 259 26.25 16.52 -4.24
C GLU B 259 25.57 15.32 -4.97
C GLU B 259 25.56 15.35 -4.94
N ARG B 260 25.13 14.38 -4.14
CA ARG B 260 24.44 13.19 -4.63
C ARG B 260 23.16 13.55 -5.40
N HIS B 261 22.38 14.50 -4.89
CA HIS B 261 21.16 14.91 -5.57
C HIS B 261 21.52 15.50 -6.93
N SER B 262 22.57 16.31 -6.96
CA SER B 262 23.02 16.89 -8.22
C SER B 262 23.53 15.80 -9.19
N ARG B 263 24.23 14.78 -8.67
CA ARG B 263 24.71 13.70 -9.54
C ARG B 263 23.57 13.00 -10.28
N TRP B 264 22.52 12.61 -9.56
CA TRP B 264 21.44 11.89 -10.23
C TRP B 264 20.68 12.83 -11.16
N SER B 265 20.55 14.09 -10.75
CA SER B 265 19.85 15.07 -11.56
C SER B 265 20.54 15.24 -12.91
N LYS B 266 21.86 15.41 -12.87
CA LYS B 266 22.66 15.56 -14.10
C LYS B 266 22.59 14.33 -14.98
N ALA B 267 22.51 13.16 -14.37
CA ALA B 267 22.37 11.90 -15.09
C ALA B 267 21.00 11.80 -15.76
N LEU B 268 19.97 12.33 -15.10
CA LEU B 268 18.65 12.41 -15.74
C LEU B 268 18.70 13.35 -16.93
N VAL B 269 19.33 14.50 -16.74
CA VAL B 269 19.48 15.44 -17.85
C VAL B 269 20.16 14.78 -19.04
N LYS B 270 21.25 14.07 -18.80
CA LYS B 270 21.98 13.40 -19.87
C LYS B 270 21.06 12.42 -20.61
N HIS B 271 20.25 11.69 -19.85
CA HIS B 271 19.30 10.75 -20.43
C HIS B 271 18.26 11.48 -21.27
N ALA B 272 17.74 12.58 -20.73
CA ALA B 272 16.75 13.38 -21.43
C ALA B 272 17.31 13.97 -22.72
N LEU B 273 18.56 14.42 -22.67
CA LEU B 273 19.16 15.05 -23.82
C LEU B 273 19.39 14.10 -24.99
N GLU B 274 19.13 12.81 -24.79
CA GLU B 274 19.17 11.87 -25.91
C GLU B 274 18.16 12.35 -26.96
N ASN B 275 17.11 13.02 -26.48
CA ASN B 275 16.14 13.68 -27.35
C ASN B 275 16.52 15.16 -27.51
N PRO B 276 16.98 15.54 -28.71
CA PRO B 276 17.50 16.89 -28.95
C PRO B 276 16.48 17.98 -28.63
N ASP B 277 15.20 17.69 -28.78
CA ASP B 277 14.14 18.65 -28.47
C ASP B 277 14.23 19.11 -27.02
N ASN B 278 14.69 18.23 -26.14
CA ASN B 278 14.70 18.52 -24.71
C ASN B 278 15.66 19.61 -24.25
N HIS B 279 16.66 19.92 -25.07
CA HIS B 279 17.62 20.93 -24.67
C HIS B 279 16.95 22.29 -24.51
N ALA B 280 16.11 22.63 -25.48
CA ALA B 280 15.40 23.92 -25.49
C ALA B 280 14.40 23.96 -24.33
N VAL B 281 13.83 22.80 -24.01
CA VAL B 281 12.83 22.70 -22.95
C VAL B 281 13.47 22.91 -21.58
N ILE B 282 14.53 22.16 -21.31
CA ILE B 282 15.26 22.31 -20.06
C ILE B 282 15.84 23.72 -19.91
N GLU B 283 16.50 24.20 -20.95
CA GLU B 283 17.08 25.55 -20.89
C GLU B 283 16.01 26.62 -20.68
N GLY B 284 14.82 26.41 -21.24
CA GLY B 284 13.73 27.36 -21.08
C GLY B 284 13.27 27.44 -19.64
N TRP B 285 13.15 26.28 -18.99
CA TRP B 285 12.74 26.23 -17.61
C TRP B 285 13.82 26.81 -16.69
N ILE B 286 15.09 26.57 -17.02
CA ILE B 286 16.18 27.14 -16.23
C ILE B 286 16.15 28.67 -16.31
N GLU B 287 16.04 29.20 -17.53
CA GLU B 287 15.97 30.66 -17.71
C GLU B 287 14.76 31.25 -17.00
N LYS B 288 13.66 30.51 -16.96
CA LYS B 288 12.44 30.96 -16.30
C LYS B 288 12.60 31.17 -14.79
N TRP B 289 13.30 30.24 -14.14
CA TRP B 289 13.36 30.22 -12.67
C TRP B 289 14.61 30.88 -12.09
N ARG B 290 15.65 31.05 -12.89
CA ARG B 290 16.91 31.57 -12.37
C ARG B 290 16.77 32.96 -11.73
N PRO B 291 16.00 33.86 -12.36
CA PRO B 291 15.77 35.18 -11.75
C PRO B 291 15.24 35.07 -10.31
N LEU B 292 14.18 34.31 -10.09
CA LEU B 292 13.68 34.06 -8.74
C LEU B 292 14.77 33.52 -7.82
N ALA B 293 15.51 32.51 -8.29
CA ALA B 293 16.54 31.90 -7.46
C ALA B 293 17.66 32.90 -7.12
N ASP B 294 18.02 33.74 -8.09
CA ASP B 294 19.07 34.75 -7.88
C ASP B 294 18.65 35.79 -6.85
N ARG B 295 17.40 36.26 -6.94
CA ARG B 295 16.87 37.21 -5.98
C ARG B 295 16.77 36.62 -4.58
N ALA B 296 16.45 35.33 -4.50
CA ALA B 296 16.38 34.63 -3.22
C ALA B 296 17.74 34.64 -2.56
N ALA B 297 18.77 34.31 -3.33
CA ALA B 297 20.15 34.26 -2.83
C ALA B 297 20.67 35.63 -2.41
N GLU B 298 20.44 36.64 -3.25
CA GLU B 298 20.85 38.01 -2.94
C GLU B 298 20.27 38.51 -1.62
N ALA B 299 18.97 38.27 -1.43
CA ALA B 299 18.31 38.72 -0.21
C ALA B 299 18.85 37.98 1.00
N TYR B 300 19.04 36.67 0.85
CA TYR B 300 19.57 35.88 1.95
C TYR B 300 20.99 36.31 2.32
N LEU B 301 21.83 36.53 1.32
CA LEU B 301 23.18 36.97 1.56
C LEU B 301 23.27 38.37 2.19
N SER B 302 22.39 39.26 1.76
N SER B 302 22.38 39.26 1.77
CA SER B 302 22.30 40.59 2.36
CA SER B 302 22.32 40.59 2.37
C SER B 302 22.03 40.44 3.86
C SER B 302 22.01 40.48 3.86
N MET B 303 21.06 39.60 4.19
CA MET B 303 20.69 39.34 5.58
C MET B 303 21.87 38.73 6.35
N LEU B 304 22.51 37.73 5.74
CA LEU B 304 23.62 37.05 6.40
C LEU B 304 24.76 38.02 6.69
N SER B 305 25.00 38.93 5.76
CA SER B 305 26.08 39.91 5.88
C SER B 305 25.78 41.03 6.86
N SER B 306 24.51 41.19 7.24
CA SER B 306 24.14 42.25 8.15
C SER B 306 24.58 41.92 9.56
N SER C 2 -29.25 -13.56 -34.26
CA SER C 2 -28.29 -12.52 -33.89
C SER C 2 -27.81 -12.70 -32.45
N ALA C 3 -26.51 -12.61 -32.25
CA ALA C 3 -25.89 -12.78 -30.93
C ALA C 3 -26.51 -11.87 -29.86
N PHE C 4 -26.67 -12.41 -28.65
CA PHE C 4 -27.33 -11.68 -27.60
C PHE C 4 -26.79 -12.11 -26.24
N PRO C 5 -25.88 -11.30 -25.68
CA PRO C 5 -25.26 -11.63 -24.39
C PRO C 5 -26.20 -11.42 -23.22
N VAL C 6 -26.23 -12.41 -22.32
CA VAL C 6 -26.91 -12.26 -21.03
C VAL C 6 -25.98 -12.77 -19.92
N HIS C 7 -26.33 -12.45 -18.67
CA HIS C 7 -25.62 -13.02 -17.54
C HIS C 7 -26.59 -13.93 -16.79
N ALA C 8 -26.22 -15.20 -16.66
CA ALA C 8 -27.16 -16.22 -16.19
C ALA C 8 -26.71 -16.91 -14.91
N ALA C 9 -27.61 -16.96 -13.94
CA ALA C 9 -27.39 -17.73 -12.72
C ALA C 9 -28.21 -19.02 -12.75
N PHE C 10 -27.54 -20.17 -12.71
CA PHE C 10 -28.24 -21.43 -12.75
C PHE C 10 -28.52 -21.94 -11.34
N GLU C 11 -29.72 -22.50 -11.14
CA GLU C 11 -30.14 -23.01 -9.83
C GLU C 11 -29.15 -24.01 -9.20
N LYS C 12 -28.67 -23.68 -8.01
CA LYS C 12 -27.74 -24.50 -7.23
C LYS C 12 -26.26 -24.32 -7.59
N ASP C 13 -25.99 -23.56 -8.64
CA ASP C 13 -24.61 -23.20 -8.98
C ASP C 13 -24.12 -22.15 -8.00
N PHE C 14 -22.84 -21.78 -8.11
CA PHE C 14 -22.24 -20.82 -7.18
C PHE C 14 -22.02 -19.43 -7.78
N LEU C 15 -22.22 -19.27 -9.08
CA LEU C 15 -21.94 -17.98 -9.70
C LEU C 15 -22.90 -17.57 -10.83
N VAL C 16 -22.70 -16.35 -11.31
CA VAL C 16 -23.36 -15.85 -12.52
C VAL C 16 -22.34 -15.92 -13.66
N GLN C 17 -22.75 -16.41 -14.82
CA GLN C 17 -21.83 -16.52 -15.95
C GLN C 17 -22.31 -15.76 -17.18
N LEU C 18 -21.37 -15.37 -18.04
CA LEU C 18 -21.72 -14.83 -19.35
C LEU C 18 -22.13 -15.96 -20.29
N VAL C 19 -23.34 -15.89 -20.82
CA VAL C 19 -23.79 -16.83 -21.83
C VAL C 19 -24.38 -16.05 -22.98
N VAL C 20 -23.84 -16.24 -24.17
CA VAL C 20 -24.34 -15.56 -25.34
C VAL C 20 -25.40 -16.42 -26.02
N VAL C 21 -26.63 -15.93 -26.04
CA VAL C 21 -27.72 -16.63 -26.68
C VAL C 21 -28.06 -15.93 -28.00
N ASP C 22 -29.14 -16.37 -28.65
CA ASP C 22 -29.58 -15.75 -29.89
C ASP C 22 -30.88 -14.95 -29.71
N LEU C 23 -30.98 -13.85 -30.42
CA LEU C 23 -32.15 -12.99 -30.38
C LEU C 23 -33.46 -13.78 -30.58
N ASN C 24 -33.37 -14.89 -31.30
CA ASN C 24 -34.55 -15.67 -31.67
C ASN C 24 -34.74 -16.98 -30.90
N ASP C 25 -33.95 -17.17 -29.84
CA ASP C 25 -34.06 -18.37 -29.01
C ASP C 25 -35.30 -18.37 -28.12
N SER C 26 -35.89 -19.56 -27.98
CA SER C 26 -36.97 -19.76 -27.01
C SER C 26 -36.36 -19.92 -25.63
N MET C 27 -37.16 -19.66 -24.59
CA MET C 27 -36.67 -19.82 -23.23
C MET C 27 -36.17 -21.24 -22.98
N ASP C 28 -36.81 -22.22 -23.61
CA ASP C 28 -36.35 -23.60 -23.53
C ASP C 28 -34.91 -23.72 -24.02
N GLN C 29 -34.59 -23.01 -25.08
CA GLN C 29 -33.25 -23.09 -25.69
C GLN C 29 -32.21 -22.31 -24.89
N VAL C 30 -32.58 -21.12 -24.45
CA VAL C 30 -31.73 -20.34 -23.57
C VAL C 30 -31.38 -21.16 -22.34
N ALA C 31 -32.38 -21.87 -21.81
CA ALA C 31 -32.22 -22.64 -20.58
C ALA C 31 -31.24 -23.77 -20.82
N GLU C 32 -31.23 -24.25 -22.05
CA GLU C 32 -30.34 -25.32 -22.46
C GLU C 32 -28.90 -24.81 -22.58
N LYS C 33 -28.75 -23.62 -23.15
CA LYS C 33 -27.43 -23.05 -23.37
C LYS C 33 -26.74 -22.66 -22.07
N VAL C 34 -27.54 -22.26 -21.10
CA VAL C 34 -27.03 -21.99 -19.76
C VAL C 34 -26.64 -23.31 -19.09
N ALA C 35 -27.58 -24.25 -19.07
CA ALA C 35 -27.33 -25.55 -18.44
C ALA C 35 -26.00 -26.16 -18.91
N TYR C 36 -25.67 -25.94 -20.19
CA TYR C 36 -24.46 -26.50 -20.74
C TYR C 36 -23.25 -26.16 -19.88
N HIS C 37 -23.24 -24.96 -19.34
CA HIS C 37 -22.06 -24.48 -18.62
C HIS C 37 -22.16 -24.74 -17.13
N CYS C 38 -23.14 -25.54 -16.71
CA CYS C 38 -23.46 -25.68 -15.29
C CYS C 38 -23.72 -27.12 -14.85
N VAL C 39 -24.74 -27.75 -15.45
CA VAL C 39 -25.07 -29.13 -15.14
C VAL C 39 -23.92 -30.04 -15.54
N ASN C 40 -23.58 -30.99 -14.66
CA ASN C 40 -22.47 -31.91 -14.87
C ASN C 40 -21.10 -31.25 -14.77
N ARG C 41 -21.08 -30.00 -14.30
CA ARG C 41 -19.83 -29.30 -14.01
C ARG C 41 -19.80 -28.96 -12.53
N ARG C 42 -20.81 -28.25 -12.06
CA ARG C 42 -20.89 -27.88 -10.66
C ARG C 42 -22.26 -28.14 -10.08
N VAL C 43 -23.19 -28.57 -10.95
CA VAL C 43 -24.57 -28.81 -10.56
C VAL C 43 -25.01 -30.20 -11.02
N ALA C 44 -25.60 -30.97 -10.10
CA ALA C 44 -26.05 -32.31 -10.44
C ALA C 44 -27.25 -32.26 -11.40
N PRO C 45 -27.27 -33.16 -12.39
CA PRO C 45 -28.44 -33.23 -13.28
C PRO C 45 -29.68 -33.63 -12.50
N ARG C 46 -30.86 -33.24 -12.97
CA ARG C 46 -32.11 -33.56 -12.29
C ARG C 46 -33.31 -33.59 -13.23
N GLU C 47 -34.35 -34.31 -12.82
CA GLU C 47 -35.60 -34.35 -13.55
C GLU C 47 -36.27 -33.00 -13.46
N GLY C 48 -37.11 -32.66 -14.44
CA GLY C 48 -37.87 -31.43 -14.38
C GLY C 48 -37.65 -30.48 -15.54
N VAL C 49 -38.55 -29.51 -15.66
CA VAL C 49 -38.50 -28.56 -16.76
C VAL C 49 -37.74 -27.30 -16.34
N MET C 50 -36.69 -26.99 -17.08
CA MET C 50 -35.91 -25.78 -16.85
C MET C 50 -36.67 -24.55 -17.32
N ARG C 51 -36.76 -23.55 -16.46
CA ARG C 51 -37.48 -22.33 -16.77
C ARG C 51 -36.56 -21.12 -16.65
N VAL C 52 -36.93 -20.03 -17.33
CA VAL C 52 -36.14 -18.80 -17.29
C VAL C 52 -36.95 -17.67 -16.67
N ARG C 53 -36.29 -16.85 -15.86
CA ARG C 53 -36.93 -15.67 -15.27
C ARG C 53 -35.91 -14.55 -15.17
N LYS C 54 -36.35 -13.31 -15.28
CA LYS C 54 -35.44 -12.20 -15.01
C LYS C 54 -34.93 -12.35 -13.58
N HIS C 55 -33.69 -11.92 -13.33
CA HIS C 55 -33.04 -12.16 -12.03
C HIS C 55 -33.90 -11.77 -10.83
N ARG C 56 -34.09 -12.71 -9.91
CA ARG C 56 -34.80 -12.48 -8.65
C ARG C 56 -36.28 -12.22 -8.89
N SER C 57 -36.73 -12.36 -10.13
CA SER C 57 -38.12 -12.11 -10.46
C SER C 57 -39.01 -13.20 -9.91
N THR C 58 -40.29 -12.92 -9.85
CA THR C 58 -41.27 -13.88 -9.37
C THR C 58 -41.94 -14.54 -10.57
N GLU C 59 -41.90 -13.86 -11.70
CA GLU C 59 -42.54 -14.35 -12.91
C GLU C 59 -41.57 -15.16 -13.77
N LEU C 60 -42.05 -16.30 -14.25
CA LEU C 60 -41.31 -17.12 -15.21
C LEU C 60 -41.70 -16.69 -16.62
N PHE C 61 -40.75 -16.72 -17.54
CA PHE C 61 -41.06 -16.47 -18.95
C PHE C 61 -41.72 -17.71 -19.55
N PRO C 62 -42.64 -17.51 -20.51
CA PRO C 62 -43.19 -18.69 -21.17
C PRO C 62 -42.09 -19.47 -21.89
N ARG C 63 -42.22 -20.79 -21.92
CA ARG C 63 -41.20 -21.65 -22.51
C ARG C 63 -40.98 -21.40 -23.99
N ASP C 64 -42.06 -21.04 -24.70
CA ASP C 64 -42.00 -20.85 -26.15
C ASP C 64 -41.58 -19.42 -26.53
N MET C 65 -41.74 -18.49 -25.60
CA MET C 65 -41.35 -17.10 -25.82
C MET C 65 -39.88 -16.97 -26.21
N THR C 66 -39.60 -16.12 -27.18
CA THR C 66 -38.23 -15.87 -27.59
C THR C 66 -37.65 -14.71 -26.79
N ILE C 67 -36.33 -14.56 -26.80
CA ILE C 67 -35.72 -13.45 -26.08
C ILE C 67 -36.12 -12.12 -26.73
N ALA C 68 -36.34 -12.14 -28.04
CA ALA C 68 -36.83 -10.95 -28.72
C ALA C 68 -38.17 -10.51 -28.13
N GLU C 69 -39.09 -11.47 -27.99
CA GLU C 69 -40.44 -11.21 -27.51
C GLU C 69 -40.48 -10.90 -26.02
N SER C 70 -39.38 -11.19 -25.32
CA SER C 70 -39.35 -11.04 -23.88
C SER C 70 -39.16 -9.59 -23.44
N GLY C 71 -38.47 -8.81 -24.27
CA GLY C 71 -38.17 -7.43 -23.91
C GLY C 71 -36.88 -7.29 -23.10
N LEU C 72 -36.19 -8.40 -22.87
CA LEU C 72 -34.90 -8.35 -22.18
C LEU C 72 -33.91 -7.53 -22.99
N ASN C 73 -33.06 -6.78 -22.29
CA ASN C 73 -31.98 -6.06 -22.96
C ASN C 73 -30.66 -6.81 -22.88
N PRO C 74 -29.75 -6.55 -23.83
CA PRO C 74 -28.47 -7.25 -23.74
C PRO C 74 -27.80 -7.00 -22.39
N THR C 75 -27.06 -7.99 -21.91
CA THR C 75 -26.31 -7.93 -20.65
C THR C 75 -27.14 -7.80 -19.38
N GLU C 76 -28.47 -7.91 -19.49
CA GLU C 76 -29.31 -8.03 -18.30
C GLU C 76 -29.13 -9.42 -17.68
N VAL C 77 -29.44 -9.54 -16.39
CA VAL C 77 -29.26 -10.80 -15.66
C VAL C 77 -30.54 -11.66 -15.62
N ILE C 78 -30.40 -12.97 -15.89
CA ILE C 78 -31.51 -13.93 -15.78
C ILE C 78 -31.15 -15.11 -14.86
N ASP C 79 -32.19 -15.74 -14.29
CA ASP C 79 -32.01 -16.99 -13.55
C ASP C 79 -32.58 -18.15 -14.36
N VAL C 80 -31.93 -19.30 -14.28
CA VAL C 80 -32.50 -20.53 -14.83
C VAL C 80 -32.84 -21.48 -13.69
N VAL C 81 -34.11 -21.80 -13.54
CA VAL C 81 -34.58 -22.59 -12.40
C VAL C 81 -35.51 -23.72 -12.85
N PHE C 82 -35.85 -24.60 -11.92
CA PHE C 82 -36.76 -25.72 -12.20
C PHE C 82 -38.15 -25.49 -11.60
N GLU C 83 -39.19 -25.88 -12.34
CA GLU C 83 -40.56 -25.79 -11.85
C GLU C 83 -40.71 -26.48 -10.50
N GLU C 84 -41.47 -25.84 -9.60
CA GLU C 84 -41.69 -26.40 -8.27
C GLU C 84 -43.11 -26.95 -8.12
N SER D 2 -24.74 -13.12 15.00
CA SER D 2 -23.94 -11.98 15.46
C SER D 2 -23.64 -12.07 16.95
N THR D 3 -24.13 -13.12 17.60
CA THR D 3 -23.79 -13.36 19.00
C THR D 3 -22.26 -13.46 19.12
N LEU D 4 -21.68 -14.40 18.38
CA LEU D 4 -20.24 -14.58 18.34
C LEU D 4 -19.53 -13.27 18.00
N ALA D 5 -20.05 -12.55 17.00
CA ALA D 5 -19.43 -11.31 16.54
C ALA D 5 -19.51 -10.21 17.59
N ASP D 6 -20.68 -10.06 18.20
CA ASP D 6 -20.89 -9.07 19.25
C ASP D 6 -19.90 -9.30 20.39
N GLN D 7 -19.77 -10.56 20.79
CA GLN D 7 -18.89 -10.92 21.89
C GLN D 7 -17.41 -10.66 21.55
N ALA D 8 -17.06 -10.88 20.28
CA ALA D 8 -15.69 -10.61 19.83
C ALA D 8 -15.42 -9.10 19.86
N LEU D 9 -16.40 -8.32 19.46
CA LEU D 9 -16.25 -6.87 19.43
C LEU D 9 -16.16 -6.27 20.82
N HIS D 10 -17.00 -6.75 21.72
CA HIS D 10 -17.06 -6.21 23.08
C HIS D 10 -15.96 -6.79 23.96
N ASN D 11 -14.73 -6.37 23.66
CA ASN D 11 -13.58 -6.72 24.47
C ASN D 11 -12.86 -5.42 24.77
N ASN D 12 -12.00 -5.44 25.78
CA ASN D 12 -11.15 -4.28 26.11
C ASN D 12 -9.69 -4.69 26.13
N ASN D 13 -9.36 -5.69 25.33
CA ASN D 13 -7.99 -6.18 25.25
C ASN D 13 -7.04 -5.21 24.56
N VAL D 14 -5.94 -4.85 25.23
CA VAL D 14 -4.91 -4.03 24.63
C VAL D 14 -3.54 -4.68 24.84
N GLY D 15 -2.59 -4.41 23.95
CA GLY D 15 -1.25 -4.90 24.17
C GLY D 15 -0.55 -5.25 22.88
N PRO D 16 0.73 -5.61 22.97
CA PRO D 16 1.55 -5.80 21.77
C PRO D 16 1.34 -7.15 21.09
N ILE D 17 1.49 -7.18 19.77
CA ILE D 17 1.70 -8.42 19.04
C ILE D 17 3.17 -8.46 18.66
N ILE D 18 3.90 -9.42 19.23
CA ILE D 18 5.35 -9.53 19.02
C ILE D 18 5.63 -10.64 18.02
N ARG D 19 6.38 -10.35 16.97
CA ARG D 19 6.72 -11.37 16.00
C ARG D 19 7.76 -12.34 16.58
N ALA D 20 7.79 -13.56 16.04
CA ALA D 20 8.71 -14.59 16.49
C ALA D 20 10.14 -14.04 16.53
N GLY D 21 10.81 -14.26 17.64
CA GLY D 21 12.18 -13.79 17.81
C GLY D 21 12.55 -13.64 19.28
N ASP D 22 13.57 -12.82 19.51
CA ASP D 22 14.17 -12.72 20.84
C ASP D 22 13.43 -11.80 21.79
N LEU D 23 12.38 -11.14 21.30
CA LEU D 23 11.59 -10.24 22.14
C LEU D 23 10.33 -10.89 22.71
N VAL D 24 9.94 -12.05 22.19
CA VAL D 24 8.71 -12.69 22.65
C VAL D 24 8.67 -12.95 24.15
N GLU D 25 9.61 -13.75 24.67
CA GLU D 25 9.55 -14.08 26.10
C GLU D 25 9.80 -12.86 27.00
N PRO D 26 10.76 -12.00 26.64
CA PRO D 26 11.00 -10.82 27.48
C PRO D 26 9.79 -9.86 27.53
N VAL D 27 9.08 -9.70 26.42
CA VAL D 27 7.89 -8.85 26.44
C VAL D 27 6.77 -9.44 27.30
N ILE D 28 6.60 -10.76 27.23
CA ILE D 28 5.60 -11.43 28.07
C ILE D 28 5.93 -11.21 29.54
N GLU D 29 7.18 -11.48 29.89
CA GLU D 29 7.62 -11.30 31.27
C GLU D 29 7.47 -9.84 31.70
N THR D 30 7.78 -8.92 30.80
CA THR D 30 7.66 -7.50 31.10
C THR D 30 6.21 -7.08 31.35
N ALA D 31 5.30 -7.59 30.50
CA ALA D 31 3.88 -7.29 30.67
C ALA D 31 3.40 -7.76 32.05
N GLU D 32 3.83 -8.94 32.46
CA GLU D 32 3.43 -9.45 33.78
C GLU D 32 3.97 -8.56 34.90
N ILE D 33 5.25 -8.20 34.82
CA ILE D 33 5.91 -7.44 35.88
C ILE D 33 5.42 -5.99 36.00
N ASP D 34 5.25 -5.34 34.86
CA ASP D 34 4.93 -3.92 34.84
C ASP D 34 3.43 -3.61 34.96
N ASN D 35 2.62 -4.67 35.03
CA ASN D 35 1.17 -4.52 35.20
C ASN D 35 0.68 -5.48 36.26
N PRO D 36 1.16 -5.29 37.50
CA PRO D 36 0.77 -6.16 38.61
C PRO D 36 -0.71 -5.95 38.89
N GLY D 37 -1.43 -7.00 39.23
CA GLY D 37 -2.85 -6.87 39.41
C GLY D 37 -3.62 -6.71 38.11
N LYS D 38 -2.93 -6.93 36.99
CA LYS D 38 -3.61 -7.24 35.73
C LYS D 38 -3.29 -8.67 35.35
N GLU D 39 -4.29 -9.40 34.86
CA GLU D 39 -4.06 -10.70 34.25
C GLU D 39 -3.50 -10.49 32.85
N ILE D 40 -2.38 -11.12 32.54
CA ILE D 40 -1.85 -11.02 31.17
C ILE D 40 -2.25 -12.25 30.40
N THR D 41 -2.92 -12.06 29.26
CA THR D 41 -3.22 -13.19 28.38
C THR D 41 -2.24 -13.29 27.23
N VAL D 42 -1.92 -14.51 26.83
CA VAL D 42 -1.03 -14.75 25.71
C VAL D 42 -1.59 -15.79 24.73
N GLU D 43 -1.69 -15.41 23.46
CA GLU D 43 -2.10 -16.36 22.43
C GLU D 43 -0.93 -16.58 21.51
N ASP D 44 -0.46 -17.83 21.46
CA ASP D 44 0.73 -18.17 20.67
C ASP D 44 0.36 -18.66 19.28
N ARG D 45 0.71 -17.88 18.25
CA ARG D 45 0.45 -18.26 16.86
C ARG D 45 1.74 -18.62 16.12
N ARG D 46 2.79 -18.91 16.88
CA ARG D 46 4.10 -19.37 16.37
C ARG D 46 4.90 -18.29 15.63
N ALA D 47 4.33 -17.71 14.57
CA ALA D 47 4.96 -16.57 13.88
C ALA D 47 4.84 -15.26 14.67
N TYR D 48 3.87 -15.23 15.57
CA TYR D 48 3.65 -14.07 16.44
C TYR D 48 2.92 -14.50 17.70
N VAL D 49 3.02 -13.67 18.74
CA VAL D 49 2.30 -13.89 19.98
C VAL D 49 1.48 -12.64 20.30
N ARG D 50 0.20 -12.86 20.63
CA ARG D 50 -0.71 -11.79 20.98
C ARG D 50 -0.82 -11.69 22.50
N ILE D 51 -0.33 -10.58 23.05
CA ILE D 51 -0.21 -10.38 24.49
C ILE D 51 -1.15 -9.27 24.91
N ALA D 52 -2.01 -9.51 25.88
CA ALA D 52 -3.03 -8.53 26.23
C ALA D 52 -3.37 -8.43 27.72
N ALA D 53 -3.85 -7.23 28.10
CA ALA D 53 -4.47 -7.00 29.40
C ALA D 53 -5.74 -6.19 29.17
N GLU D 54 -6.57 -6.10 30.22
CA GLU D 54 -7.81 -5.33 30.14
C GLU D 54 -7.54 -3.83 30.29
N GLY D 55 -7.95 -3.05 29.29
CA GLY D 55 -7.98 -1.59 29.40
C GLY D 55 -6.66 -0.87 29.17
N GLU D 56 -5.59 -1.41 29.72
CA GLU D 56 -4.29 -0.76 29.65
C GLU D 56 -3.19 -1.77 29.91
N LEU D 57 -2.12 -1.68 29.13
CA LEU D 57 -0.94 -2.52 29.34
C LEU D 57 0.28 -1.67 29.09
N ILE D 58 1.15 -1.59 30.09
CA ILE D 58 2.37 -0.80 30.00
C ILE D 58 3.60 -1.70 29.85
N LEU D 59 4.55 -1.28 29.00
CA LEU D 59 5.87 -1.90 28.91
C LEU D 59 6.92 -0.82 29.17
N THR D 60 7.68 -0.94 30.27
CA THR D 60 8.71 0.05 30.52
C THR D 60 10.05 -0.36 29.93
N ARG D 61 10.83 0.62 29.50
CA ARG D 61 12.16 0.33 28.97
C ARG D 61 13.03 -0.39 30.01
N LYS D 62 13.02 0.10 31.25
CA LYS D 62 13.86 -0.50 32.28
C LYS D 62 13.56 -1.98 32.51
N THR D 63 12.27 -2.33 32.60
CA THR D 63 11.91 -3.73 32.80
C THR D 63 12.24 -4.57 31.57
N LEU D 64 11.90 -4.06 30.40
CA LEU D 64 12.20 -4.80 29.17
C LEU D 64 13.69 -5.08 29.05
N GLU D 65 14.51 -4.08 29.38
CA GLU D 65 15.95 -4.25 29.31
C GLU D 65 16.40 -5.36 30.26
N GLU D 66 15.84 -5.36 31.47
CA GLU D 66 16.15 -6.38 32.46
C GLU D 66 15.77 -7.79 32.00
N GLN D 67 14.58 -7.94 31.42
CA GLN D 67 14.09 -9.25 30.96
C GLN D 67 14.77 -9.73 29.69
N LEU D 68 15.16 -8.79 28.84
CA LEU D 68 15.85 -9.11 27.59
C LEU D 68 17.32 -9.47 27.87
N GLY D 69 17.92 -8.83 28.86
CA GLY D 69 19.26 -9.16 29.32
C GLY D 69 20.41 -8.47 28.59
N ARG D 70 20.11 -7.39 27.88
CA ARG D 70 21.14 -6.62 27.16
C ARG D 70 20.66 -5.17 27.06
N PRO D 71 21.58 -4.23 26.83
CA PRO D 71 21.17 -2.83 26.68
C PRO D 71 20.06 -2.68 25.65
N PHE D 72 19.07 -1.85 25.96
CA PHE D 72 17.87 -1.74 25.12
C PHE D 72 17.29 -0.33 25.17
N ASN D 73 17.05 0.26 24.01
CA ASN D 73 16.35 1.53 23.90
C ASN D 73 14.92 1.28 23.46
N MET D 74 13.99 2.06 23.98
CA MET D 74 12.57 1.78 23.77
C MET D 74 12.23 1.75 22.28
N GLN D 75 12.89 2.60 21.50
CA GLN D 75 12.59 2.72 20.08
C GLN D 75 12.89 1.42 19.32
N GLU D 76 13.77 0.59 19.87
CA GLU D 76 14.10 -0.68 19.24
C GLU D 76 12.97 -1.68 19.25
N LEU D 77 11.96 -1.45 20.08
CA LEU D 77 10.89 -2.44 20.14
C LEU D 77 10.22 -2.56 18.77
N GLU D 78 10.29 -1.49 17.99
CA GLU D 78 9.74 -1.48 16.64
C GLU D 78 10.28 -2.60 15.78
N ILE D 79 11.49 -3.09 16.08
CA ILE D 79 12.04 -4.17 15.30
C ILE D 79 11.15 -5.41 15.39
N ASN D 80 10.47 -5.57 16.53
CA ASN D 80 9.69 -6.78 16.75
C ASN D 80 8.21 -6.55 17.06
N LEU D 81 7.79 -5.29 17.10
CA LEU D 81 6.38 -4.98 17.36
C LEU D 81 5.58 -5.02 16.05
N ALA D 82 5.03 -6.19 15.74
CA ALA D 82 4.41 -6.45 14.44
C ALA D 82 3.00 -5.86 14.33
N SER D 83 2.31 -5.74 15.47
CA SER D 83 1.05 -5.01 15.54
C SER D 83 0.76 -4.72 16.99
N PHE D 84 -0.42 -4.15 17.25
CA PHE D 84 -0.85 -3.96 18.63
C PHE D 84 -2.36 -3.70 18.68
N ALA D 85 -2.96 -4.06 19.81
CA ALA D 85 -4.35 -3.70 20.12
C ALA D 85 -4.32 -2.54 21.10
N GLY D 86 -5.29 -1.63 20.97
CA GLY D 86 -5.30 -0.43 21.78
C GLY D 86 -4.71 0.73 21.03
N GLN D 87 -4.92 1.93 21.57
CA GLN D 87 -4.22 3.11 21.11
C GLN D 87 -2.84 3.09 21.75
N ILE D 88 -1.89 3.80 21.14
CA ILE D 88 -0.52 3.71 21.61
C ILE D 88 -0.01 5.08 22.05
N GLN D 89 0.76 5.08 23.15
CA GLN D 89 1.42 6.27 23.65
C GLN D 89 2.85 5.85 23.96
N ALA D 90 3.82 6.34 23.20
CA ALA D 90 5.19 5.86 23.33
C ALA D 90 6.19 6.99 23.59
N ASP D 91 7.16 6.72 24.45
CA ASP D 91 8.25 7.64 24.70
C ASP D 91 9.53 6.84 25.00
N GLU D 92 10.56 7.55 25.47
CA GLU D 92 11.88 6.94 25.70
C GLU D 92 11.87 5.99 26.88
N ASP D 93 10.87 6.13 27.76
CA ASP D 93 10.82 5.36 28.99
C ASP D 93 9.84 4.19 28.98
N GLN D 94 8.82 4.26 28.12
CA GLN D 94 7.83 3.19 28.09
C GLN D 94 6.87 3.30 26.92
N ILE D 95 6.14 2.23 26.66
N ILE D 95 6.18 2.21 26.65
CA ILE D 95 5.03 2.26 25.72
CA ILE D 95 5.02 2.25 25.76
C ILE D 95 3.74 1.80 26.40
C ILE D 95 3.78 1.92 26.57
N ARG D 96 2.68 2.58 26.24
CA ARG D 96 1.38 2.33 26.89
C ARG D 96 0.36 1.96 25.80
N PHE D 97 -0.27 0.80 25.94
CA PHE D 97 -1.38 0.44 25.05
C PHE D 97 -2.64 0.63 25.86
N TYR D 98 -3.64 1.31 25.31
CA TYR D 98 -4.80 1.66 26.13
C TYR D 98 -6.05 1.93 25.30
N PHE D 99 -7.22 1.84 25.95
CA PHE D 99 -8.49 2.28 25.35
C PHE D 99 -9.07 3.48 26.09
N ASP D 100 -9.75 4.35 25.34
CA ASP D 100 -10.50 5.46 25.95
C ASP D 100 -11.87 4.99 26.43
N LYS D 101 -12.46 4.04 25.71
CA LYS D 101 -13.81 3.59 26.04
C LYS D 101 -13.80 2.24 26.72
N THR D 102 -14.89 1.90 27.40
CA THR D 102 -15.05 0.58 28.02
C THR D 102 -16.25 -0.12 27.39
N MET D 103 -15.99 -1.23 26.72
N MET D 103 -16.01 -1.23 26.72
CA MET D 103 -17.04 -2.00 26.06
CA MET D 103 -17.09 -2.00 26.12
C MET D 103 -17.20 -3.39 26.69
C MET D 103 -17.44 -3.20 26.99
FE FE E . 1.95 0.14 4.54
FE FE F . 3.87 -1.93 2.96
C1 NPO G . 0.13 -2.95 -0.25
C2 NPO G . 0.45 -3.79 0.80
C3 NPO G . 0.87 -3.25 2.01
C4 NPO G . 0.98 -1.88 2.16
C5 NPO G . 0.66 -1.04 1.09
C6 NPO G . 0.23 -1.58 -0.11
OH NPO G . 1.41 -1.34 3.35
N1 NPO G . -0.31 -3.51 -1.49
O2 NPO G . -0.62 -2.72 -2.48
O3 NPO G . -0.41 -4.71 -1.62
C1 NPO H . -12.15 -14.09 -14.53
C2 NPO H . -12.30 -13.01 -15.39
C3 NPO H . -12.13 -13.19 -16.75
C4 NPO H . -11.78 -14.45 -17.23
C5 NPO H . -11.64 -15.52 -16.36
C6 NPO H . -11.81 -15.35 -15.00
OH NPO H . -11.60 -14.65 -18.58
N1 NPO H . -12.33 -13.90 -13.14
O2 NPO H . -12.19 -14.91 -12.34
O3 NPO H . -12.62 -12.79 -12.72
OH2 1PE I . 29.63 -2.15 6.60
C12 1PE I . 28.68 -1.09 6.40
C22 1PE I . 28.94 0.01 7.41
OH3 1PE I . 28.05 1.15 7.29
C13 1PE I . 28.23 1.53 9.71
C23 1PE I . 28.52 2.04 8.31
OH4 1PE I . 28.87 2.48 10.58
C14 1PE I . 27.19 2.95 12.32
C24 1PE I . 28.60 2.41 12.02
OH5 1PE I . 26.83 3.01 13.74
C15 1PE I . 26.37 2.23 15.90
C25 1PE I . 26.54 1.80 14.45
OH6 1PE I . 25.97 1.15 16.75
C16 1PE I . 23.95 -0.27 17.01
C26 1PE I . 24.64 0.85 16.29
C1 NPO J . -13.09 -18.09 -21.19
C2 NPO J . -13.79 -19.11 -21.82
C3 NPO J . -14.21 -18.95 -23.13
C4 NPO J . -13.93 -17.78 -23.82
C5 NPO J . -13.23 -16.76 -23.18
C6 NPO J . -12.81 -16.91 -21.88
OH NPO J . -14.33 -17.63 -25.11
N1 NPO J . -12.66 -18.24 -19.84
O2 NPO J . -12.01 -17.27 -19.25
O3 NPO J . -12.91 -19.27 -19.22
#